data_1EC4
# 
_entry.id   1EC4 
# 
_audit_conform.dict_name       mmcif_pdbx.dic 
_audit_conform.dict_version    5.392 
_audit_conform.dict_location   http://mmcif.pdb.org/dictionaries/ascii/mmcif_pdbx.dic 
# 
loop_
_database_2.database_id 
_database_2.database_code 
_database_2.pdbx_database_accession 
_database_2.pdbx_DOI 
PDB   1EC4         pdb_00001ec4 10.2210/pdb1ec4/pdb 
RCSB  RCSB010447   ?            ?                   
WWPDB D_1000010447 ?            ?                   
# 
loop_
_pdbx_audit_revision_history.ordinal 
_pdbx_audit_revision_history.data_content_type 
_pdbx_audit_revision_history.major_revision 
_pdbx_audit_revision_history.minor_revision 
_pdbx_audit_revision_history.revision_date 
1 'Structure model' 1 0 2003-04-22 
2 'Structure model' 1 1 2008-04-27 
3 'Structure model' 1 2 2011-07-13 
4 'Structure model' 1 3 2022-02-16 
5 'Structure model' 1 4 2024-05-22 
# 
_pdbx_audit_revision_details.ordinal             1 
_pdbx_audit_revision_details.revision_ordinal    1 
_pdbx_audit_revision_details.data_content_type   'Structure model' 
_pdbx_audit_revision_details.provider            repository 
_pdbx_audit_revision_details.type                'Initial release' 
_pdbx_audit_revision_details.description         ? 
_pdbx_audit_revision_details.details             ? 
# 
loop_
_pdbx_audit_revision_group.ordinal 
_pdbx_audit_revision_group.revision_ordinal 
_pdbx_audit_revision_group.data_content_type 
_pdbx_audit_revision_group.group 
1 2 'Structure model' 'Version format compliance' 
2 3 'Structure model' 'Version format compliance' 
3 4 'Structure model' 'Data collection'           
4 4 'Structure model' 'Database references'       
5 4 'Structure model' 'Derived calculations'      
6 5 'Structure model' 'Data collection'           
# 
loop_
_pdbx_audit_revision_category.ordinal 
_pdbx_audit_revision_category.revision_ordinal 
_pdbx_audit_revision_category.data_content_type 
_pdbx_audit_revision_category.category 
1 4 'Structure model' database_2            
2 4 'Structure model' pdbx_nmr_software     
3 4 'Structure model' pdbx_struct_assembly  
4 4 'Structure model' pdbx_struct_oper_list 
5 4 'Structure model' struct_conn           
6 5 'Structure model' chem_comp_atom        
7 5 'Structure model' chem_comp_bond        
# 
loop_
_pdbx_audit_revision_item.ordinal 
_pdbx_audit_revision_item.revision_ordinal 
_pdbx_audit_revision_item.data_content_type 
_pdbx_audit_revision_item.item 
1 4 'Structure model' '_database_2.pdbx_DOI'                
2 4 'Structure model' '_database_2.pdbx_database_accession' 
3 4 'Structure model' '_pdbx_nmr_software.name'             
4 4 'Structure model' '_struct_conn.pdbx_leaving_atom_flag' 
# 
_pdbx_database_status.status_code                     REL 
_pdbx_database_status.entry_id                        1EC4 
_pdbx_database_status.recvd_initial_deposition_date   2000-01-25 
_pdbx_database_status.deposit_site                    RCSB 
_pdbx_database_status.process_site                    RCSB 
_pdbx_database_status.SG_entry                        . 
_pdbx_database_status.pdb_format_compatible           Y 
_pdbx_database_status.status_code_mr                  ? 
_pdbx_database_status.status_code_sf                  ? 
_pdbx_database_status.status_code_cs                  ? 
_pdbx_database_status.status_code_nmr_data            ? 
_pdbx_database_status.methods_development_category    ? 
# 
loop_
_pdbx_database_related.db_name 
_pdbx_database_related.db_id 
_pdbx_database_related.details 
_pdbx_database_related.content_type 
PDB 205D 'RNA duplex; internal loop with two consecutive U:U' unspecified 
PDB 280D 'RNA duplex; internal loop with two consecutive U:U' unspecified 
# 
loop_
_audit_author.name 
_audit_author.pdbx_ordinal 
'Lescrinier, E.' 1 
'Esnouf, R.M.'   2 
'Schraml, J.'    3 
'Busson, R.'     4 
'Herdewijn, P.'  5 
# 
loop_
_citation.id 
_citation.title 
_citation.journal_abbrev 
_citation.journal_volume 
_citation.page_first 
_citation.page_last 
_citation.year 
_citation.journal_id_ASTM 
_citation.country 
_citation.journal_id_ISSN 
_citation.journal_id_CSD 
_citation.book_publisher 
_citation.pdbx_database_id_PubMed 
_citation.pdbx_database_id_DOI 
primary 'Solution structure of a HNA-RNA hybrid'                                                                           
Chem.Biol.     7   719  731  2000 CBOLE2 UK 1074-5521 2050 ? 10980452 '10.1016/S1074-5521(00)00017-X' 
1       'Minor groove hydration contributes to the relative stability of HNA/RNA hybrids as compared to HNA/DNA complexes' 
J.Am.Chem.Soc. 120 5381 5394 1998 JACSAT US 0002-7863 0004 ? ?        10.1021/ja973721f               
# 
loop_
_citation_author.citation_id 
_citation_author.name 
_citation_author.ordinal 
_citation_author.identifier_ORCID 
primary 'Lescrinier, E.'   1  ? 
primary 'Esnouf, R.M.'     2  ? 
primary 'Schraml, J.'      3  ? 
primary 'Busson, R.'       4  ? 
primary 'Heus, H.A.'       5  ? 
primary 'Hilbers, C.W.'    6  ? 
primary 'Herdewijn, P.'    7  ? 
1       'De Winter, H.'    8  ? 
1       'Lescrinier, E.'   9  ? 
1       'Van Aerschot, A.' 10 ? 
1       'Herdewijn, P.'    11 ? 
# 
_entity.id                         1 
_entity.type                       polymer 
_entity.src_method                 syn 
_entity.pdbx_description           'HEXITOL DODECANUCLEOTIDE' 
_entity.formula_weight             3813.688 
_entity.pdbx_number_of_molecules   2 
_entity.pdbx_ec                    ? 
_entity.pdbx_mutation              ? 
_entity.pdbx_fragment              ? 
_entity.details                    'THE SUGAR MOIETIES ARE NOT DEOXYRIBOSE BUT D-ARABINO-HEXITOL' 
# 
_entity_poly.entity_id                      1 
_entity_poly.type                           polydeoxyribonucleotide 
_entity_poly.nstd_linkage                   no 
_entity_poly.nstd_monomer                   yes 
_entity_poly.pdbx_seq_one_letter_code       '(6HG)(6HC)(6HG)(6HC)(6HT)(6HT)(6HT)(6HT)(6HG)(6HC)(6HG)(6HC)' 
_entity_poly.pdbx_seq_one_letter_code_can   GCGCTTTTGCGC 
_entity_poly.pdbx_strand_id                 A,B 
_entity_poly.pdbx_target_identifier         ? 
# 
loop_
_entity_poly_seq.entity_id 
_entity_poly_seq.num 
_entity_poly_seq.mon_id 
_entity_poly_seq.hetero 
1 1  6HG n 
1 2  6HC n 
1 3  6HG n 
1 4  6HC n 
1 5  6HT n 
1 6  6HT n 
1 7  6HT n 
1 8  6HT n 
1 9  6HG n 
1 10 6HC n 
1 11 6HG n 
1 12 6HC n 
# 
loop_
_chem_comp.id 
_chem_comp.type 
_chem_comp.mon_nstd_flag 
_chem_comp.name 
_chem_comp.pdbx_synonyms 
_chem_comp.formula 
_chem_comp.formula_weight 
6HC 'DNA linking' n "1',5'-ANHYDRO-2',3'-DIDEOXY-2'-(CYTOSIN-1-YL)-6'-O-PHOSPHORYL-D-ARABINO-HEXITOL" ? 'C10 H16 N3 O7 P' 321.224 
6HG 'DNA linking' n "1',5'-ANHYDRO-2',3'-DIDEOXY-2'-(GUANIN-9-YL)-6'-O-PHOSPHORYL-D-ARABINO-HEXITOL"  ? 'C11 H16 N5 O7 P' 361.248 
6HT 'DNA linking' n "1',5'-ANHYDRO-2',3'-DIDEOXY-2'-(THYMIN-1-YL)-6'-O-PHOSPHORYL-D-ARABINO-HEXITOL"  ? 'C11 H17 N2 O8 P' 336.235 
# 
loop_
_pdbx_poly_seq_scheme.asym_id 
_pdbx_poly_seq_scheme.entity_id 
_pdbx_poly_seq_scheme.seq_id 
_pdbx_poly_seq_scheme.mon_id 
_pdbx_poly_seq_scheme.ndb_seq_num 
_pdbx_poly_seq_scheme.pdb_seq_num 
_pdbx_poly_seq_scheme.auth_seq_num 
_pdbx_poly_seq_scheme.pdb_mon_id 
_pdbx_poly_seq_scheme.auth_mon_id 
_pdbx_poly_seq_scheme.pdb_strand_id 
_pdbx_poly_seq_scheme.pdb_ins_code 
_pdbx_poly_seq_scheme.hetero 
A 1 1  6HG 1  1  1  6HG 6HG A . n 
A 1 2  6HC 2  2  2  6HC 6HC A . n 
A 1 3  6HG 3  3  3  6HG 6HG A . n 
A 1 4  6HC 4  4  4  6HC 6HC A . n 
A 1 5  6HT 5  5  5  6HT 6HT A . n 
A 1 6  6HT 6  6  6  6HT 6HT A . n 
A 1 7  6HT 7  7  7  6HT 6HT A . n 
A 1 8  6HT 8  8  8  6HT 6HT A . n 
A 1 9  6HG 9  9  9  6HG 6HG A . n 
A 1 10 6HC 10 10 10 6HC 6HC A . n 
A 1 11 6HG 11 11 11 6HG 6HG A . n 
A 1 12 6HC 12 12 12 6HC 6HC A . n 
B 1 1  6HG 1  13 13 6HG 6HG B . n 
B 1 2  6HC 2  14 14 6HC 6HC B . n 
B 1 3  6HG 3  15 15 6HG 6HG B . n 
B 1 4  6HC 4  16 16 6HC 6HC B . n 
B 1 5  6HT 5  17 17 6HT 6HT B . n 
B 1 6  6HT 6  18 18 6HT 6HT B . n 
B 1 7  6HT 7  19 19 6HT 6HT B . n 
B 1 8  6HT 8  20 20 6HT 6HT B . n 
B 1 9  6HG 9  21 21 6HG 6HG B . n 
B 1 10 6HC 10 22 22 6HC 6HC B . n 
B 1 11 6HG 11 23 23 6HG 6HG B . n 
B 1 12 6HC 12 24 24 6HC 6HC B . n 
# 
_cell.entry_id           1EC4 
_cell.length_a           1.0 
_cell.length_b           1.0 
_cell.length_c           1.0 
_cell.angle_alpha        90.0 
_cell.angle_beta         90.0 
_cell.angle_gamma        90.0 
_cell.Z_PDB              1 
_cell.pdbx_unique_axis   ? 
# 
_symmetry.entry_id                         1EC4 
_symmetry.space_group_name_H-M             'P 1' 
_symmetry.pdbx_full_space_group_name_H-M   ? 
_symmetry.cell_setting                     ? 
_symmetry.Int_Tables_number                1 
# 
_exptl.entry_id          1EC4 
_exptl.method            'SOLUTION NMR' 
_exptl.crystals_number   ? 
# 
_exptl_crystal.id                    1 
_exptl_crystal.density_meas          ? 
_exptl_crystal.density_Matthews      ? 
_exptl_crystal.density_percent_sol   ? 
_exptl_crystal.description           ? 
# 
_diffrn.id                     1 
_diffrn.ambient_temp           ? 
_diffrn.ambient_temp_details   ? 
_diffrn.crystal_id             1 
# 
_diffrn_radiation.diffrn_id                        1 
_diffrn_radiation.wavelength_id                    1 
_diffrn_radiation.pdbx_monochromatic_or_laue_m_l   M 
_diffrn_radiation.monochromator                    ? 
_diffrn_radiation.pdbx_diffrn_protocol             'SINGLE WAVELENGTH' 
_diffrn_radiation.pdbx_scattering_type             ? 
# 
_diffrn_radiation_wavelength.id           1 
_diffrn_radiation_wavelength.wavelength   . 
_diffrn_radiation_wavelength.wt           1.0 
# 
_struct.entry_id                  1EC4 
_struct.title                     'SOLUTION STRUCTURE OF A HEXITOL NUCLEIC ACID DUPLEX WITH FOUR CONSECUTIVE T:T BASE PAIRS' 
_struct.pdbx_model_details        ? 
_struct.pdbx_CASP_flag            ? 
_struct.pdbx_model_type_details   ? 
# 
_struct_keywords.entry_id        1EC4 
_struct_keywords.pdbx_keywords   DNA 
_struct_keywords.text            'double helix, antisense, hexitol nucleic acid, DNA' 
# 
loop_
_struct_asym.id 
_struct_asym.pdbx_blank_PDB_chainid_flag 
_struct_asym.pdbx_modified 
_struct_asym.entity_id 
_struct_asym.details 
A N N 1 ? 
B N N 1 ? 
# 
_struct_ref.id                         1 
_struct_ref.entity_id                  1 
_struct_ref.db_name                    PDB 
_struct_ref.db_code                    1EC4 
_struct_ref.pdbx_db_accession          1EC4 
_struct_ref.pdbx_db_isoform            ? 
_struct_ref.pdbx_seq_one_letter_code   ? 
_struct_ref.pdbx_align_begin           ? 
# 
loop_
_struct_ref_seq.align_id 
_struct_ref_seq.ref_id 
_struct_ref_seq.pdbx_PDB_id_code 
_struct_ref_seq.pdbx_strand_id 
_struct_ref_seq.seq_align_beg 
_struct_ref_seq.pdbx_seq_align_beg_ins_code 
_struct_ref_seq.seq_align_end 
_struct_ref_seq.pdbx_seq_align_end_ins_code 
_struct_ref_seq.pdbx_db_accession 
_struct_ref_seq.db_align_beg 
_struct_ref_seq.pdbx_db_align_beg_ins_code 
_struct_ref_seq.db_align_end 
_struct_ref_seq.pdbx_db_align_end_ins_code 
_struct_ref_seq.pdbx_auth_seq_align_beg 
_struct_ref_seq.pdbx_auth_seq_align_end 
1 1 1EC4 A 1 ? 12 ? 1EC4 1  ? 12 ? 1  12 
2 1 1EC4 B 1 ? 12 ? 1EC4 13 ? 24 ? 13 24 
# 
_pdbx_struct_assembly.id                   1 
_pdbx_struct_assembly.details              author_defined_assembly 
_pdbx_struct_assembly.method_details       ? 
_pdbx_struct_assembly.oligomeric_details   dimeric 
_pdbx_struct_assembly.oligomeric_count     2 
# 
_pdbx_struct_assembly_gen.assembly_id       1 
_pdbx_struct_assembly_gen.oper_expression   1 
_pdbx_struct_assembly_gen.asym_id_list      A,B 
# 
_pdbx_struct_oper_list.id                   1 
_pdbx_struct_oper_list.type                 'identity operation' 
_pdbx_struct_oper_list.name                 1_555 
_pdbx_struct_oper_list.symmetry_operation   x,y,z 
_pdbx_struct_oper_list.matrix[1][1]         1.0000000000 
_pdbx_struct_oper_list.matrix[1][2]         0.0000000000 
_pdbx_struct_oper_list.matrix[1][3]         0.0000000000 
_pdbx_struct_oper_list.vector[1]            0.0000000000 
_pdbx_struct_oper_list.matrix[2][1]         0.0000000000 
_pdbx_struct_oper_list.matrix[2][2]         1.0000000000 
_pdbx_struct_oper_list.matrix[2][3]         0.0000000000 
_pdbx_struct_oper_list.vector[2]            0.0000000000 
_pdbx_struct_oper_list.matrix[3][1]         0.0000000000 
_pdbx_struct_oper_list.matrix[3][2]         0.0000000000 
_pdbx_struct_oper_list.matrix[3][3]         1.0000000000 
_pdbx_struct_oper_list.vector[3]            0.0000000000 
# 
_struct_biol.id   1 
# 
loop_
_struct_conn.id 
_struct_conn.conn_type_id 
_struct_conn.pdbx_leaving_atom_flag 
_struct_conn.pdbx_PDB_id 
_struct_conn.ptnr1_label_asym_id 
_struct_conn.ptnr1_label_comp_id 
_struct_conn.ptnr1_label_seq_id 
_struct_conn.ptnr1_label_atom_id 
_struct_conn.pdbx_ptnr1_label_alt_id 
_struct_conn.pdbx_ptnr1_PDB_ins_code 
_struct_conn.pdbx_ptnr1_standard_comp_id 
_struct_conn.ptnr1_symmetry 
_struct_conn.ptnr2_label_asym_id 
_struct_conn.ptnr2_label_comp_id 
_struct_conn.ptnr2_label_seq_id 
_struct_conn.ptnr2_label_atom_id 
_struct_conn.pdbx_ptnr2_label_alt_id 
_struct_conn.pdbx_ptnr2_PDB_ins_code 
_struct_conn.ptnr1_auth_asym_id 
_struct_conn.ptnr1_auth_comp_id 
_struct_conn.ptnr1_auth_seq_id 
_struct_conn.ptnr2_auth_asym_id 
_struct_conn.ptnr2_auth_comp_id 
_struct_conn.ptnr2_auth_seq_id 
_struct_conn.ptnr2_symmetry 
_struct_conn.pdbx_ptnr3_label_atom_id 
_struct_conn.pdbx_ptnr3_label_seq_id 
_struct_conn.pdbx_ptnr3_label_comp_id 
_struct_conn.pdbx_ptnr3_label_asym_id 
_struct_conn.pdbx_ptnr3_label_alt_id 
_struct_conn.pdbx_ptnr3_PDB_ins_code 
_struct_conn.details 
_struct_conn.pdbx_dist_value 
_struct_conn.pdbx_value_order 
_struct_conn.pdbx_role 
covale1  covale both ? A 6HG 1  "O3'" ? ? ? 1_555 A 6HC 2  P  ? ? A 6HG 1  A 6HC 2  1_555 ? ? ? ? ? ? ?            1.610 ? ? 
covale2  covale both ? A 6HC 2  "O3'" ? ? ? 1_555 A 6HG 3  P  ? ? A 6HC 2  A 6HG 3  1_555 ? ? ? ? ? ? ?            1.609 ? ? 
covale3  covale both ? A 6HG 3  "O3'" ? ? ? 1_555 A 6HC 4  P  ? ? A 6HG 3  A 6HC 4  1_555 ? ? ? ? ? ? ?            1.613 ? ? 
covale4  covale both ? A 6HC 4  "O3'" ? ? ? 1_555 A 6HT 5  P  ? ? A 6HC 4  A 6HT 5  1_555 ? ? ? ? ? ? ?            1.610 ? ? 
covale5  covale both ? A 6HT 5  "O3'" ? ? ? 1_555 A 6HT 6  P  ? ? A 6HT 5  A 6HT 6  1_555 ? ? ? ? ? ? ?            1.612 ? ? 
covale6  covale both ? A 6HT 6  "O3'" ? ? ? 1_555 A 6HT 7  P  ? ? A 6HT 6  A 6HT 7  1_555 ? ? ? ? ? ? ?            1.611 ? ? 
covale7  covale both ? A 6HT 7  "O3'" ? ? ? 1_555 A 6HT 8  P  ? ? A 6HT 7  A 6HT 8  1_555 ? ? ? ? ? ? ?            1.612 ? ? 
covale8  covale both ? A 6HT 8  "O3'" ? ? ? 1_555 A 6HG 9  P  ? ? A 6HT 8  A 6HG 9  1_555 ? ? ? ? ? ? ?            1.607 ? ? 
covale9  covale both ? A 6HG 9  "O3'" ? ? ? 1_555 A 6HC 10 P  ? ? A 6HG 9  A 6HC 10 1_555 ? ? ? ? ? ? ?            1.612 ? ? 
covale10 covale both ? A 6HC 10 "O3'" ? ? ? 1_555 A 6HG 11 P  ? ? A 6HC 10 A 6HG 11 1_555 ? ? ? ? ? ? ?            1.607 ? ? 
covale11 covale both ? A 6HG 11 "O3'" ? ? ? 1_555 A 6HC 12 P  ? ? A 6HG 11 A 6HC 12 1_555 ? ? ? ? ? ? ?            1.612 ? ? 
covale12 covale both ? B 6HG 1  "O3'" ? ? ? 1_555 B 6HC 2  P  ? ? B 6HG 13 B 6HC 14 1_555 ? ? ? ? ? ? ?            1.611 ? ? 
covale13 covale both ? B 6HC 2  "O3'" ? ? ? 1_555 B 6HG 3  P  ? ? B 6HC 14 B 6HG 15 1_555 ? ? ? ? ? ? ?            1.608 ? ? 
covale14 covale both ? B 6HG 3  "O3'" ? ? ? 1_555 B 6HC 4  P  ? ? B 6HG 15 B 6HC 16 1_555 ? ? ? ? ? ? ?            1.611 ? ? 
covale15 covale both ? B 6HC 4  "O3'" ? ? ? 1_555 B 6HT 5  P  ? ? B 6HC 16 B 6HT 17 1_555 ? ? ? ? ? ? ?            1.612 ? ? 
covale16 covale both ? B 6HT 5  "O3'" ? ? ? 1_555 B 6HT 6  P  ? ? B 6HT 17 B 6HT 18 1_555 ? ? ? ? ? ? ?            1.611 ? ? 
covale17 covale both ? B 6HT 6  "O3'" ? ? ? 1_555 B 6HT 7  P  ? ? B 6HT 18 B 6HT 19 1_555 ? ? ? ? ? ? ?            1.610 ? ? 
covale18 covale both ? B 6HT 7  "O3'" ? ? ? 1_555 B 6HT 8  P  ? ? B 6HT 19 B 6HT 20 1_555 ? ? ? ? ? ? ?            1.613 ? ? 
covale19 covale both ? B 6HT 8  "O3'" ? ? ? 1_555 B 6HG 9  P  ? ? B 6HT 20 B 6HG 21 1_555 ? ? ? ? ? ? ?            1.606 ? ? 
covale20 covale both ? B 6HG 9  "O3'" ? ? ? 1_555 B 6HC 10 P  ? ? B 6HG 21 B 6HC 22 1_555 ? ? ? ? ? ? ?            1.612 ? ? 
covale21 covale both ? B 6HC 10 "O3'" ? ? ? 1_555 B 6HG 11 P  ? ? B 6HC 22 B 6HG 23 1_555 ? ? ? ? ? ? ?            1.609 ? ? 
covale22 covale both ? B 6HG 11 "O3'" ? ? ? 1_555 B 6HC 12 P  ? ? B 6HG 23 B 6HC 24 1_555 ? ? ? ? ? ? ?            1.610 ? ? 
hydrog1  hydrog ?    ? A 6HG 1  N1    ? ? ? 1_555 B 6HC 12 N3 ? ? A 6HG 1  B 6HC 24 1_555 ? ? ? ? ? ? WATSON-CRICK ?     ? ? 
hydrog2  hydrog ?    ? A 6HG 1  N2    ? ? ? 1_555 B 6HC 12 O2 ? ? A 6HG 1  B 6HC 24 1_555 ? ? ? ? ? ? WATSON-CRICK ?     ? ? 
hydrog3  hydrog ?    ? A 6HG 1  O6    ? ? ? 1_555 B 6HC 12 N4 ? ? A 6HG 1  B 6HC 24 1_555 ? ? ? ? ? ? WATSON-CRICK ?     ? ? 
hydrog4  hydrog ?    ? A 6HC 2  N3    ? ? ? 1_555 B 6HG 11 N1 ? ? A 6HC 2  B 6HG 23 1_555 ? ? ? ? ? ? WATSON-CRICK ?     ? ? 
hydrog5  hydrog ?    ? A 6HC 2  N4    ? ? ? 1_555 B 6HG 11 O6 ? ? A 6HC 2  B 6HG 23 1_555 ? ? ? ? ? ? WATSON-CRICK ?     ? ? 
hydrog6  hydrog ?    ? A 6HC 2  O2    ? ? ? 1_555 B 6HG 11 N2 ? ? A 6HC 2  B 6HG 23 1_555 ? ? ? ? ? ? WATSON-CRICK ?     ? ? 
hydrog7  hydrog ?    ? A 6HG 3  N1    ? ? ? 1_555 B 6HC 10 N3 ? ? A 6HG 3  B 6HC 22 1_555 ? ? ? ? ? ? WATSON-CRICK ?     ? ? 
hydrog8  hydrog ?    ? A 6HG 3  N2    ? ? ? 1_555 B 6HC 10 O2 ? ? A 6HG 3  B 6HC 22 1_555 ? ? ? ? ? ? WATSON-CRICK ?     ? ? 
hydrog9  hydrog ?    ? A 6HG 3  O6    ? ? ? 1_555 B 6HC 10 N4 ? ? A 6HG 3  B 6HC 22 1_555 ? ? ? ? ? ? WATSON-CRICK ?     ? ? 
hydrog10 hydrog ?    ? A 6HC 4  N3    ? ? ? 1_555 B 6HG 9  N1 ? ? A 6HC 4  B 6HG 21 1_555 ? ? ? ? ? ? WATSON-CRICK ?     ? ? 
hydrog11 hydrog ?    ? A 6HC 4  N4    ? ? ? 1_555 B 6HG 9  O6 ? ? A 6HC 4  B 6HG 21 1_555 ? ? ? ? ? ? WATSON-CRICK ?     ? ? 
hydrog12 hydrog ?    ? A 6HC 4  O2    ? ? ? 1_555 B 6HG 9  N2 ? ? A 6HC 4  B 6HG 21 1_555 ? ? ? ? ? ? WATSON-CRICK ?     ? ? 
hydrog13 hydrog ?    ? A 6HT 5  N3    ? ? ? 1_555 B 6HT 8  O4 ? ? A 6HT 5  B 6HT 20 1_555 ? ? ? ? ? ? TYPE_16_PAIR ?     ? ? 
hydrog14 hydrog ?    ? A 6HT 5  O2    ? ? ? 1_555 B 6HT 8  N3 ? ? A 6HT 5  B 6HT 20 1_555 ? ? ? ? ? ? TYPE_16_PAIR ?     ? ? 
hydrog15 hydrog ?    ? A 6HT 6  N3    ? ? ? 1_555 B 6HT 7  O4 ? ? A 6HT 6  B 6HT 19 1_555 ? ? ? ? ? ? TYPE_16_PAIR ?     ? ? 
hydrog16 hydrog ?    ? A 6HT 6  O2    ? ? ? 1_555 B 6HT 7  N3 ? ? A 6HT 6  B 6HT 19 1_555 ? ? ? ? ? ? TYPE_16_PAIR ?     ? ? 
hydrog17 hydrog ?    ? A 6HT 7  N3    ? ? ? 1_555 B 6HT 6  O2 ? ? A 6HT 7  B 6HT 18 1_555 ? ? ? ? ? ? TYPE_16_PAIR ?     ? ? 
hydrog18 hydrog ?    ? A 6HT 7  O4    ? ? ? 1_555 B 6HT 6  N3 ? ? A 6HT 7  B 6HT 18 1_555 ? ? ? ? ? ? TYPE_16_PAIR ?     ? ? 
hydrog19 hydrog ?    ? A 6HT 8  N3    ? ? ? 1_555 B 6HT 5  O2 ? ? A 6HT 8  B 6HT 17 1_555 ? ? ? ? ? ? TYPE_16_PAIR ?     ? ? 
hydrog20 hydrog ?    ? A 6HT 8  O4    ? ? ? 1_555 B 6HT 5  N3 ? ? A 6HT 8  B 6HT 17 1_555 ? ? ? ? ? ? TYPE_16_PAIR ?     ? ? 
hydrog21 hydrog ?    ? A 6HG 9  N1    ? ? ? 1_555 B 6HC 4  N3 ? ? A 6HG 9  B 6HC 16 1_555 ? ? ? ? ? ? WATSON-CRICK ?     ? ? 
hydrog22 hydrog ?    ? A 6HG 9  N2    ? ? ? 1_555 B 6HC 4  O2 ? ? A 6HG 9  B 6HC 16 1_555 ? ? ? ? ? ? WATSON-CRICK ?     ? ? 
hydrog23 hydrog ?    ? A 6HG 9  O6    ? ? ? 1_555 B 6HC 4  N4 ? ? A 6HG 9  B 6HC 16 1_555 ? ? ? ? ? ? WATSON-CRICK ?     ? ? 
hydrog24 hydrog ?    ? A 6HC 10 N3    ? ? ? 1_555 B 6HG 3  N1 ? ? A 6HC 10 B 6HG 15 1_555 ? ? ? ? ? ? WATSON-CRICK ?     ? ? 
hydrog25 hydrog ?    ? A 6HC 10 N4    ? ? ? 1_555 B 6HG 3  O6 ? ? A 6HC 10 B 6HG 15 1_555 ? ? ? ? ? ? WATSON-CRICK ?     ? ? 
hydrog26 hydrog ?    ? A 6HC 10 O2    ? ? ? 1_555 B 6HG 3  N2 ? ? A 6HC 10 B 6HG 15 1_555 ? ? ? ? ? ? WATSON-CRICK ?     ? ? 
hydrog27 hydrog ?    ? A 6HG 11 N1    ? ? ? 1_555 B 6HC 2  N3 ? ? A 6HG 11 B 6HC 14 1_555 ? ? ? ? ? ? WATSON-CRICK ?     ? ? 
hydrog28 hydrog ?    ? A 6HG 11 N2    ? ? ? 1_555 B 6HC 2  O2 ? ? A 6HG 11 B 6HC 14 1_555 ? ? ? ? ? ? WATSON-CRICK ?     ? ? 
hydrog29 hydrog ?    ? A 6HG 11 O6    ? ? ? 1_555 B 6HC 2  N4 ? ? A 6HG 11 B 6HC 14 1_555 ? ? ? ? ? ? WATSON-CRICK ?     ? ? 
hydrog30 hydrog ?    ? A 6HC 12 N3    ? ? ? 1_555 B 6HG 1  N1 ? ? A 6HC 12 B 6HG 13 1_555 ? ? ? ? ? ? WATSON-CRICK ?     ? ? 
hydrog31 hydrog ?    ? A 6HC 12 N4    ? ? ? 1_555 B 6HG 1  O6 ? ? A 6HC 12 B 6HG 13 1_555 ? ? ? ? ? ? WATSON-CRICK ?     ? ? 
hydrog32 hydrog ?    ? A 6HC 12 O2    ? ? ? 1_555 B 6HG 1  N2 ? ? A 6HC 12 B 6HG 13 1_555 ? ? ? ? ? ? WATSON-CRICK ?     ? ? 
# 
loop_
_struct_conn_type.id 
_struct_conn_type.criteria 
_struct_conn_type.reference 
covale ? ? 
hydrog ? ? 
# 
loop_
_pdbx_validate_close_contact.id 
_pdbx_validate_close_contact.PDB_model_num 
_pdbx_validate_close_contact.auth_atom_id_1 
_pdbx_validate_close_contact.auth_asym_id_1 
_pdbx_validate_close_contact.auth_comp_id_1 
_pdbx_validate_close_contact.auth_seq_id_1 
_pdbx_validate_close_contact.PDB_ins_code_1 
_pdbx_validate_close_contact.label_alt_id_1 
_pdbx_validate_close_contact.auth_atom_id_2 
_pdbx_validate_close_contact.auth_asym_id_2 
_pdbx_validate_close_contact.auth_comp_id_2 
_pdbx_validate_close_contact.auth_seq_id_2 
_pdbx_validate_close_contact.PDB_ins_code_2 
_pdbx_validate_close_contact.label_alt_id_2 
_pdbx_validate_close_contact.dist 
1  1 O2  A 6HC 10 ? ? H21 B 6HG 15 ? ? 1.38 
2  1 H22 A 6HG 3  ? ? O2  B 6HC 22 ? ? 1.39 
3  1 H21 A 6HG 9  ? ? O2  B 6HC 16 ? ? 1.40 
4  1 H3  A 6HT 7  ? ? O2  B 6HT 18 ? ? 1.41 
5  1 O2  A 6HC 4  ? ? H21 B 6HG 21 ? ? 1.42 
6  1 H42 A 6HC 2  ? ? O6  B 6HG 23 ? ? 1.44 
7  1 O2  A 6HT 6  ? ? H3  B 6HT 19 ? ? 1.46 
8  1 O4  A 6HT 7  ? ? H3  B 6HT 18 ? ? 1.46 
9  1 O6  A 6HG 3  ? ? H42 B 6HC 22 ? ? 1.47 
10 1 O6  A 6HG 11 ? ? H41 B 6HC 14 ? ? 1.48 
11 1 H22 A 6HG 1  ? ? O2  B 6HC 24 ? ? 1.48 
12 1 H21 A 6HG 11 ? ? O2  B 6HC 14 ? ? 1.49 
13 1 N3  A 6HC 2  ? ? H1  B 6HG 23 ? ? 1.49 
14 1 H1  A 6HG 3  ? ? N3  B 6HC 22 ? ? 1.49 
15 1 O2  A 6HC 2  ? ? H21 B 6HG 23 ? ? 1.50 
16 1 H1  A 6HG 9  ? ? N3  B 6HC 16 ? ? 1.50 
17 1 N3  A 6HC 4  ? ? H1  B 6HG 21 ? ? 1.53 
18 1 H3  A 6HT 6  ? ? O4  B 6HT 19 ? ? 1.54 
19 1 H1  A 6HG 11 ? ? N3  B 6HC 14 ? ? 1.55 
20 1 N3  A 6HC 10 ? ? H1  B 6HG 15 ? ? 1.57 
21 1 O2  A 6HC 12 ? ? H21 B 6HG 13 ? ? 1.58 
# 
loop_
_pdbx_struct_mod_residue.id 
_pdbx_struct_mod_residue.label_asym_id 
_pdbx_struct_mod_residue.label_comp_id 
_pdbx_struct_mod_residue.label_seq_id 
_pdbx_struct_mod_residue.auth_asym_id 
_pdbx_struct_mod_residue.auth_comp_id 
_pdbx_struct_mod_residue.auth_seq_id 
_pdbx_struct_mod_residue.PDB_ins_code 
_pdbx_struct_mod_residue.parent_comp_id 
_pdbx_struct_mod_residue.details 
1  A 6HG 1  A 6HG 1  ? DG ? 
2  A 6HC 2  A 6HC 2  ? DC ? 
3  A 6HG 3  A 6HG 3  ? DG ? 
4  A 6HC 4  A 6HC 4  ? DC ? 
5  A 6HT 5  A 6HT 5  ? DT ? 
6  A 6HT 6  A 6HT 6  ? DT ? 
7  A 6HT 7  A 6HT 7  ? DT ? 
8  A 6HT 8  A 6HT 8  ? DT ? 
9  A 6HG 9  A 6HG 9  ? DG ? 
10 A 6HC 10 A 6HC 10 ? DC ? 
11 A 6HG 11 A 6HG 11 ? DG ? 
12 A 6HC 12 A 6HC 12 ? DC ? 
13 B 6HG 1  B 6HG 13 ? DG ? 
14 B 6HC 2  B 6HC 14 ? DC ? 
15 B 6HG 3  B 6HG 15 ? DG ? 
16 B 6HC 4  B 6HC 16 ? DC ? 
17 B 6HT 5  B 6HT 17 ? DT ? 
18 B 6HT 6  B 6HT 18 ? DT ? 
19 B 6HT 7  B 6HT 19 ? DT ? 
20 B 6HT 8  B 6HT 20 ? DT ? 
21 B 6HG 9  B 6HG 21 ? DG ? 
22 B 6HC 10 B 6HC 22 ? DC ? 
23 B 6HG 11 B 6HG 23 ? DG ? 
24 B 6HC 12 B 6HC 24 ? DC ? 
# 
_pdbx_nmr_ensemble.entry_id                                      1EC4 
_pdbx_nmr_ensemble.conformers_calculated_total_number            100 
_pdbx_nmr_ensemble.conformers_submitted_total_number             1 
_pdbx_nmr_ensemble.conformer_selection_criteria                  'structures closest to the average of all refined structures' 
_pdbx_nmr_ensemble.average_constraints_per_residue               ? 
_pdbx_nmr_ensemble.average_constraint_violations_per_residue     ? 
_pdbx_nmr_ensemble.maximum_distance_constraint_violation         ? 
_pdbx_nmr_ensemble.average_distance_constraint_violation         ? 
_pdbx_nmr_ensemble.maximum_upper_distance_constraint_violation   ? 
_pdbx_nmr_ensemble.maximum_lower_distance_constraint_violation   ? 
_pdbx_nmr_ensemble.distance_constraint_violation_method          ? 
_pdbx_nmr_ensemble.maximum_torsion_angle_constraint_violation    ? 
_pdbx_nmr_ensemble.average_torsion_angle_constraint_violation    ? 
_pdbx_nmr_ensemble.torsion_angle_constraint_violation_method     ? 
# 
_pdbx_nmr_representative.entry_id             1EC4 
_pdbx_nmr_representative.conformer_id         1 
_pdbx_nmr_representative.selection_criteria   'closest to the average' 
# 
loop_
_pdbx_nmr_sample_details.solution_id 
_pdbx_nmr_sample_details.contents 
_pdbx_nmr_sample_details.solvent_system 
1 '2mM HNA; 0.3M NaCl' D2O                
2 '2mM HNA; 0.3M NaCl' '10% D2O, 90% H2O' 
# 
loop_
_pdbx_nmr_exptl_sample_conditions.conditions_id 
_pdbx_nmr_exptl_sample_conditions.temperature 
_pdbx_nmr_exptl_sample_conditions.pressure 
_pdbx_nmr_exptl_sample_conditions.pH 
_pdbx_nmr_exptl_sample_conditions.ionic_strength 
_pdbx_nmr_exptl_sample_conditions.pressure_units 
_pdbx_nmr_exptl_sample_conditions.temperature_units 
1 293 ambient 7 ? ? K 
2 273 ambient 7 ? ? K 
# 
loop_
_pdbx_nmr_exptl.experiment_id 
_pdbx_nmr_exptl.conditions_id 
_pdbx_nmr_exptl.solution_id 
_pdbx_nmr_exptl.type 
1 1 1 '2D NOESY'        
2 1 1 DQF-COSY          
3 1 1 H,P-Hetcor        
4 2 2 'watergate NOESY' 
# 
_pdbx_nmr_refine.entry_id           1EC4 
_pdbx_nmr_refine.method             
;torsion angle dynamics, and 'gentle' refinement
;
_pdbx_nmr_refine.details            ? 
_pdbx_nmr_refine.software_ordinal   1 
# 
loop_
_pdbx_nmr_software.name 
_pdbx_nmr_software.version 
_pdbx_nmr_software.classification 
_pdbx_nmr_software.authors 
_pdbx_nmr_software.ordinal 
VNMR   5.3   collection           varian         1 
Felix  97    'data analysis'      biosym         2 
X-PLOR 3.851 'structure solution' 'A.T. Brunger' 3 
X-PLOR 3.851 refinement           'A.T. Brunger' 4 
# 
loop_
_chem_comp_atom.comp_id 
_chem_comp_atom.atom_id 
_chem_comp_atom.type_symbol 
_chem_comp_atom.pdbx_aromatic_flag 
_chem_comp_atom.pdbx_stereo_config 
_chem_comp_atom.pdbx_ordinal 
6HC P      P N N 1   
6HC OP1    O N N 2   
6HC OP2    O N N 3   
6HC OP3    O N N 4   
6HC "O5'"  O N N 5   
6HC "C5'"  C N N 6   
6HC "C4'"  C N R 7   
6HC "O4'"  O N N 8   
6HC "C3'"  C N S 9   
6HC "O3'"  O N N 10  
6HC "C2'"  C N N 11  
6HC "C1'"  C N S 12  
6HC "C6'"  C N N 13  
6HC N1     N N N 14  
6HC C2     C N N 15  
6HC O2     O N N 16  
6HC N3     N N N 17  
6HC C4     C N N 18  
6HC N4     N N N 19  
6HC C5     C N N 20  
6HC C6     C N N 21  
6HC HOP2   H N N 22  
6HC HOP3   H N N 23  
6HC "H5'"  H N N 24  
6HC "H5''" H N N 25  
6HC "H4'"  H N N 26  
6HC "H3'"  H N N 27  
6HC "HO3'" H N N 28  
6HC "H2'"  H N N 29  
6HC "H2''" H N N 30  
6HC "H1'"  H N N 31  
6HC "H6'1" H N N 32  
6HC "H6'2" H N N 33  
6HC H41    H N N 34  
6HC H42    H N N 35  
6HC H5     H N N 36  
6HC H6     H N N 37  
6HG P      P N N 38  
6HG OP1    O N N 39  
6HG OP2    O N N 40  
6HG OP3    O N N 41  
6HG "O5'"  O N N 42  
6HG "C5'"  C N N 43  
6HG "C4'"  C N R 44  
6HG "O4'"  O N N 45  
6HG "C3'"  C N S 46  
6HG "O3'"  O N N 47  
6HG "C2'"  C N N 48  
6HG "C1'"  C N S 49  
6HG "C6'"  C N N 50  
6HG N9     N Y N 51  
6HG C8     C Y N 52  
6HG N7     N Y N 53  
6HG C5     C Y N 54  
6HG C6     C N N 55  
6HG O6     O N N 56  
6HG N1     N N N 57  
6HG C2     C N N 58  
6HG N2     N N N 59  
6HG N3     N N N 60  
6HG C4     C Y N 61  
6HG HOP2   H N N 62  
6HG HOP3   H N N 63  
6HG "H5'"  H N N 64  
6HG "H5''" H N N 65  
6HG "H4'"  H N N 66  
6HG "H3'"  H N N 67  
6HG "HO3'" H N N 68  
6HG "H2'"  H N N 69  
6HG "H2''" H N N 70  
6HG "H1'"  H N N 71  
6HG "H6'1" H N N 72  
6HG "H6'2" H N N 73  
6HG H8     H N N 74  
6HG H1     H N N 75  
6HG H21    H N N 76  
6HG H22    H N N 77  
6HT P      P N N 78  
6HT OP1    O N N 79  
6HT OP2    O N N 80  
6HT OP3    O N N 81  
6HT "O5'"  O N N 82  
6HT "C5'"  C N N 83  
6HT "C4'"  C N R 84  
6HT "O4'"  O N N 85  
6HT "C3'"  C N S 86  
6HT "O3'"  O N N 87  
6HT "C2'"  C N N 88  
6HT "C1'"  C N S 89  
6HT "C6'"  C N N 90  
6HT N1     N N N 91  
6HT C2     C N N 92  
6HT O2     O N N 93  
6HT N3     N N N 94  
6HT C4     C N N 95  
6HT O4     O N N 96  
6HT C5     C N N 97  
6HT C5M    C N N 98  
6HT C6     C N N 99  
6HT HOP2   H N N 100 
6HT HOP3   H N N 101 
6HT "H5'"  H N N 102 
6HT "H5''" H N N 103 
6HT "H4'"  H N N 104 
6HT "H3'"  H N N 105 
6HT "HO3'" H N N 106 
6HT "H2'"  H N N 107 
6HT "H2''" H N N 108 
6HT "H1'"  H N N 109 
6HT "H6'1" H N N 110 
6HT "H6'2" H N N 111 
6HT H3     H N N 112 
6HT H71    H N N 113 
6HT H72    H N N 114 
6HT H73    H N N 115 
6HT H6     H N N 116 
# 
loop_
_chem_comp_bond.comp_id 
_chem_comp_bond.atom_id_1 
_chem_comp_bond.atom_id_2 
_chem_comp_bond.value_order 
_chem_comp_bond.pdbx_aromatic_flag 
_chem_comp_bond.pdbx_stereo_config 
_chem_comp_bond.pdbx_ordinal 
6HC P     OP1    doub N N 1   
6HC P     OP2    sing N N 2   
6HC P     OP3    sing N N 3   
6HC P     "O5'"  sing N N 4   
6HC OP2   HOP2   sing N N 5   
6HC OP3   HOP3   sing N N 6   
6HC "O5'" "C5'"  sing N N 7   
6HC "C5'" "C4'"  sing N N 8   
6HC "C5'" "H5'"  sing N N 9   
6HC "C5'" "H5''" sing N N 10  
6HC "C4'" "O4'"  sing N N 11  
6HC "C4'" "C3'"  sing N N 12  
6HC "C4'" "H4'"  sing N N 13  
6HC "O4'" "C6'"  sing N N 14  
6HC "C3'" "O3'"  sing N N 15  
6HC "C3'" "C2'"  sing N N 16  
6HC "C3'" "H3'"  sing N N 17  
6HC "O3'" "HO3'" sing N N 18  
6HC "C2'" "C1'"  sing N N 19  
6HC "C2'" "H2'"  sing N N 20  
6HC "C2'" "H2''" sing N N 21  
6HC "C1'" "C6'"  sing N N 22  
6HC "C1'" N1     sing N N 23  
6HC "C1'" "H1'"  sing N N 24  
6HC "C6'" "H6'1" sing N N 25  
6HC "C6'" "H6'2" sing N N 26  
6HC N1    C2     sing N N 27  
6HC N1    C6     sing N N 28  
6HC C2    O2     doub N N 29  
6HC C2    N3     sing N N 30  
6HC N3    C4     doub N N 31  
6HC C4    N4     sing N N 32  
6HC C4    C5     sing N N 33  
6HC N4    H41    sing N N 34  
6HC N4    H42    sing N N 35  
6HC C5    C6     doub N N 36  
6HC C5    H5     sing N N 37  
6HC C6    H6     sing N N 38  
6HG P     OP1    doub N N 39  
6HG P     OP2    sing N N 40  
6HG P     OP3    sing N N 41  
6HG P     "O5'"  sing N N 42  
6HG OP2   HOP2   sing N N 43  
6HG OP3   HOP3   sing N N 44  
6HG "O5'" "C5'"  sing N N 45  
6HG "C5'" "C4'"  sing N N 46  
6HG "C5'" "H5'"  sing N N 47  
6HG "C5'" "H5''" sing N N 48  
6HG "C4'" "O4'"  sing N N 49  
6HG "C4'" "C3'"  sing N N 50  
6HG "C4'" "H4'"  sing N N 51  
6HG "O4'" "C6'"  sing N N 52  
6HG "C3'" "O3'"  sing N N 53  
6HG "C3'" "C2'"  sing N N 54  
6HG "C3'" "H3'"  sing N N 55  
6HG "O3'" "HO3'" sing N N 56  
6HG "C2'" "C1'"  sing N N 57  
6HG "C2'" "H2'"  sing N N 58  
6HG "C2'" "H2''" sing N N 59  
6HG "C1'" "C6'"  sing N N 60  
6HG "C1'" N9     sing N N 61  
6HG "C1'" "H1'"  sing N N 62  
6HG "C6'" "H6'1" sing N N 63  
6HG "C6'" "H6'2" sing N N 64  
6HG N9    C8     sing Y N 65  
6HG N9    C4     sing Y N 66  
6HG C8    N7     doub Y N 67  
6HG C8    H8     sing N N 68  
6HG N7    C5     sing Y N 69  
6HG C5    C6     sing N N 70  
6HG C5    C4     doub Y N 71  
6HG C6    O6     doub N N 72  
6HG C6    N1     sing N N 73  
6HG N1    C2     sing N N 74  
6HG N1    H1     sing N N 75  
6HG C2    N2     sing N N 76  
6HG C2    N3     doub N N 77  
6HG N2    H21    sing N N 78  
6HG N2    H22    sing N N 79  
6HG N3    C4     sing N N 80  
6HT P     OP1    doub N N 81  
6HT P     OP2    sing N N 82  
6HT P     OP3    sing N N 83  
6HT P     "O5'"  sing N N 84  
6HT OP2   HOP2   sing N N 85  
6HT OP3   HOP3   sing N N 86  
6HT "O5'" "C5'"  sing N N 87  
6HT "C5'" "C4'"  sing N N 88  
6HT "C5'" "H5'"  sing N N 89  
6HT "C5'" "H5''" sing N N 90  
6HT "C4'" "O4'"  sing N N 91  
6HT "C4'" "C3'"  sing N N 92  
6HT "C4'" "H4'"  sing N N 93  
6HT "O4'" "C6'"  sing N N 94  
6HT "C3'" "O3'"  sing N N 95  
6HT "C3'" "C2'"  sing N N 96  
6HT "C3'" "H3'"  sing N N 97  
6HT "O3'" "HO3'" sing N N 98  
6HT "C2'" "C1'"  sing N N 99  
6HT "C2'" "H2'"  sing N N 100 
6HT "C2'" "H2''" sing N N 101 
6HT "C1'" "C6'"  sing N N 102 
6HT "C1'" N1     sing N N 103 
6HT "C1'" "H1'"  sing N N 104 
6HT "C6'" "H6'1" sing N N 105 
6HT "C6'" "H6'2" sing N N 106 
6HT N1    C2     sing N N 107 
6HT N1    C6     sing N N 108 
6HT C2    O2     doub N N 109 
6HT C2    N3     sing N N 110 
6HT N3    C4     sing N N 111 
6HT N3    H3     sing N N 112 
6HT C4    O4     doub N N 113 
6HT C4    C5     sing N N 114 
6HT C5    C5M    sing N N 115 
6HT C5    C6     doub N N 116 
6HT C5M   H71    sing N N 117 
6HT C5M   H72    sing N N 118 
6HT C5M   H73    sing N N 119 
6HT C6    H6     sing N N 120 
# 
loop_
_ndb_struct_conf_na.entry_id 
_ndb_struct_conf_na.feature 
1EC4 'double helix'         
1EC4 'mismatched base pair' 
# 
loop_
_ndb_struct_na_base_pair.model_number 
_ndb_struct_na_base_pair.i_label_asym_id 
_ndb_struct_na_base_pair.i_label_comp_id 
_ndb_struct_na_base_pair.i_label_seq_id 
_ndb_struct_na_base_pair.i_symmetry 
_ndb_struct_na_base_pair.j_label_asym_id 
_ndb_struct_na_base_pair.j_label_comp_id 
_ndb_struct_na_base_pair.j_label_seq_id 
_ndb_struct_na_base_pair.j_symmetry 
_ndb_struct_na_base_pair.shear 
_ndb_struct_na_base_pair.stretch 
_ndb_struct_na_base_pair.stagger 
_ndb_struct_na_base_pair.buckle 
_ndb_struct_na_base_pair.propeller 
_ndb_struct_na_base_pair.opening 
_ndb_struct_na_base_pair.pair_number 
_ndb_struct_na_base_pair.pair_name 
_ndb_struct_na_base_pair.i_auth_asym_id 
_ndb_struct_na_base_pair.i_auth_seq_id 
_ndb_struct_na_base_pair.i_PDB_ins_code 
_ndb_struct_na_base_pair.j_auth_asym_id 
_ndb_struct_na_base_pair.j_auth_seq_id 
_ndb_struct_na_base_pair.j_PDB_ins_code 
_ndb_struct_na_base_pair.hbond_type_28 
_ndb_struct_na_base_pair.hbond_type_12 
1 A 6HG 1  1_555 B 6HC 12 1_555 -0.606 -0.420 -0.347 -9.374 -7.654 3.143  1  A_6HG1:6HC24_B  A 1  ? B 24 ? 19 1 
1 A 6HC 2  1_555 B 6HG 11 1_555 0.224  -0.586 -0.014 -4.045 -8.578 -1.528 2  A_6HC2:6HG23_B  A 2  ? B 23 ? 19 1 
1 A 6HG 3  1_555 B 6HC 10 1_555 -0.150 -0.556 -0.074 4.332  2.663  -1.115 3  A_6HG3:6HC22_B  A 3  ? B 22 ? 19 1 
1 A 6HC 4  1_555 B 6HG 9  1_555 0.399  -0.542 -0.371 8.908  10.702 1.038  4  A_6HC4:6HG21_B  A 4  ? B 21 ? 19 1 
1 A 6HT 5  1_555 B 6HT 8  1_555 2.267  -1.981 0.256  4.379  0.433  6.663  5  A_6HT5:6HT20_B  A 5  ? B 20 ? 16 1 
1 A 6HT 6  1_555 B 6HT 7  1_555 2.586  -2.311 -0.634 8.379  -0.517 13.205 6  A_6HT6:6HT19_B  A 6  ? B 19 ? 16 1 
1 A 6HT 7  1_555 B 6HT 6  1_555 -2.583 -2.302 -0.410 -8.620 -1.312 12.802 7  A_6HT7:6HT18_B  A 7  ? B 18 ? 16 1 
1 A 6HT 8  1_555 B 6HT 5  1_555 -2.162 -1.961 0.298  -3.466 2.720  5.790  8  A_6HT8:6HT17_B  A 8  ? B 17 ? 16 1 
1 A 6HG 9  1_555 B 6HC 4  1_555 -0.273 -0.562 -0.409 -6.755 9.762  -0.224 9  A_6HG9:6HC16_B  A 9  ? B 16 ? 19 1 
1 A 6HC 10 1_555 B 6HG 3  1_555 0.254  -0.466 -0.172 -1.093 2.043  1.333  10 A_6HC10:6HG15_B A 10 ? B 15 ? 19 1 
1 A 6HG 11 1_555 B 6HC 2  1_555 -0.240 -0.520 -0.058 -1.298 -3.730 -1.978 11 A_6HG11:6HC14_B A 11 ? B 14 ? 19 1 
1 A 6HC 12 1_555 B 6HG 1  1_555 0.213  -0.360 -0.412 12.332 -5.248 -0.681 12 A_6HC12:6HG13_B A 12 ? B 13 ? 19 1 
# 
loop_
_ndb_struct_na_base_pair_step.model_number 
_ndb_struct_na_base_pair_step.i_label_asym_id_1 
_ndb_struct_na_base_pair_step.i_label_comp_id_1 
_ndb_struct_na_base_pair_step.i_label_seq_id_1 
_ndb_struct_na_base_pair_step.i_symmetry_1 
_ndb_struct_na_base_pair_step.j_label_asym_id_1 
_ndb_struct_na_base_pair_step.j_label_comp_id_1 
_ndb_struct_na_base_pair_step.j_label_seq_id_1 
_ndb_struct_na_base_pair_step.j_symmetry_1 
_ndb_struct_na_base_pair_step.i_label_asym_id_2 
_ndb_struct_na_base_pair_step.i_label_comp_id_2 
_ndb_struct_na_base_pair_step.i_label_seq_id_2 
_ndb_struct_na_base_pair_step.i_symmetry_2 
_ndb_struct_na_base_pair_step.j_label_asym_id_2 
_ndb_struct_na_base_pair_step.j_label_comp_id_2 
_ndb_struct_na_base_pair_step.j_label_seq_id_2 
_ndb_struct_na_base_pair_step.j_symmetry_2 
_ndb_struct_na_base_pair_step.shift 
_ndb_struct_na_base_pair_step.slide 
_ndb_struct_na_base_pair_step.rise 
_ndb_struct_na_base_pair_step.tilt 
_ndb_struct_na_base_pair_step.roll 
_ndb_struct_na_base_pair_step.twist 
_ndb_struct_na_base_pair_step.x_displacement 
_ndb_struct_na_base_pair_step.y_displacement 
_ndb_struct_na_base_pair_step.helical_rise 
_ndb_struct_na_base_pair_step.inclination 
_ndb_struct_na_base_pair_step.tip 
_ndb_struct_na_base_pair_step.helical_twist 
_ndb_struct_na_base_pair_step.step_number 
_ndb_struct_na_base_pair_step.step_name 
_ndb_struct_na_base_pair_step.i_auth_asym_id_1 
_ndb_struct_na_base_pair_step.i_auth_seq_id_1 
_ndb_struct_na_base_pair_step.i_PDB_ins_code_1 
_ndb_struct_na_base_pair_step.j_auth_asym_id_1 
_ndb_struct_na_base_pair_step.j_auth_seq_id_1 
_ndb_struct_na_base_pair_step.j_PDB_ins_code_1 
_ndb_struct_na_base_pair_step.i_auth_asym_id_2 
_ndb_struct_na_base_pair_step.i_auth_seq_id_2 
_ndb_struct_na_base_pair_step.i_PDB_ins_code_2 
_ndb_struct_na_base_pair_step.j_auth_asym_id_2 
_ndb_struct_na_base_pair_step.j_auth_seq_id_2 
_ndb_struct_na_base_pair_step.j_PDB_ins_code_2 
1 A 6HG 1  1_555 B 6HC 12 1_555 A 6HC 2  1_555 B 6HG 11 1_555 -0.514 -2.062 2.999 -2.972 5.592  31.694 -4.569  0.465  2.642 10.112 
5.375  32.304 1  AA_6HG16HC2:6HG236HC24_BB   A 1  ? B 24 ? A 2  ? B 23 ? 
1 A 6HC 2  1_555 B 6HG 11 1_555 A 6HG 3  1_555 B 6HC 10 1_555 -0.023 -2.197 3.005 -0.999 4.704  30.382 -4.943  -0.127 2.642 8.906  
1.892  30.751 2  AA_6HC26HG3:6HC226HG23_BB   A 2  ? B 23 ? A 3  ? B 22 ? 
1 A 6HG 3  1_555 B 6HC 10 1_555 A 6HC 4  1_555 B 6HG 9  1_555 0.398  -2.441 3.201 -0.357 -0.634 27.100 -5.050  -0.938 3.251 -1.353 
0.762  27.109 3  AA_6HG36HC4:6HG216HC22_BB   A 3  ? B 22 ? A 4  ? B 21 ? 
1 A 6HC 4  1_555 B 6HG 9  1_555 A 6HT 5  1_555 B 6HT 8  1_555 0.804  -2.359 3.334 -1.215 6.542  40.208 -4.083  -1.284 2.906 9.437  
1.753  40.732 4  AA_6HC46HT5:6HT206HG21_BB   A 4  ? B 21 ? A 5  ? B 20 ? 
1 A 6HT 5  1_555 B 6HT 8  1_555 A 6HT 6  1_555 B 6HT 7  1_555 -0.134 -2.445 3.191 3.900  -2.012 26.415 -4.759  1.301  3.311 -4.364 
-8.461 26.770 5  AA_6HT56HT6:6HT196HT20_BB   A 5  ? B 20 ? A 6  ? B 19 ? 
1 A 6HT 6  1_555 B 6HT 7  1_555 A 6HT 7  1_555 B 6HT 6  1_555 -0.007 -2.896 4.033 -1.242 -0.220 11.500 -13.988 -2.119 4.065 -1.095 
6.173  11.568 6  AA_6HT66HT7:6HT186HT19_BB   A 6  ? B 19 ? A 7  ? B 18 ? 
1 A 6HT 7  1_555 B 6HT 6  1_555 A 6HT 8  1_555 B 6HT 5  1_555 0.084  -2.553 3.075 -3.261 -1.647 26.559 -5.099  -0.992 3.191 -3.563 
7.055  26.805 7  AA_6HT76HT8:6HT176HT18_BB   A 7  ? B 18 ? A 8  ? B 17 ? 
1 A 6HT 8  1_555 B 6HT 5  1_555 A 6HG 9  1_555 B 6HC 4  1_555 -0.972 -2.332 3.316 2.568  5.543  40.040 -3.964  1.680  2.916 8.038  
-3.725 40.484 8  AA_6HT86HG9:6HC166HT17_BB   A 8  ? B 17 ? A 9  ? B 16 ? 
1 A 6HG 9  1_555 B 6HC 4  1_555 A 6HC 10 1_555 B 6HG 3  1_555 -0.038 -2.463 3.198 -0.015 -0.615 26.319 -5.244  0.080  3.253 -1.351 
0.034  26.326 9  AA_6HG96HC10:6HG156HC16_BB  A 9  ? B 16 ? A 10 ? B 15 ? 
1 A 6HC 10 1_555 B 6HG 3  1_555 A 6HG 11 1_555 B 6HC 2  1_555 -0.460 -2.483 3.273 -0.153 7.597  28.337 -6.386  0.878  2.538 15.177 
0.306  29.318 10 AA_6HC106HG11:6HC146HG15_BB A 10 ? B 15 ? A 11 ? B 14 ? 
1 A 6HG 11 1_555 B 6HC 2  1_555 A 6HC 12 1_555 B 6HG 1  1_555 0.268  -2.159 2.830 3.168  2.190  29.094 -4.661  0.048  2.678 4.336  
-6.271 29.342 11 AA_6HG116HC12:6HG136HC14_BB A 11 ? B 14 ? A 12 ? B 13 ? 
# 
_pdbx_nmr_spectrometer.spectrometer_id   1 
_pdbx_nmr_spectrometer.type              ? 
_pdbx_nmr_spectrometer.manufacturer      Varian 
_pdbx_nmr_spectrometer.model             UNITY 
_pdbx_nmr_spectrometer.field_strength    500 
# 
_atom_sites.entry_id                    1EC4 
_atom_sites.fract_transf_matrix[1][1]   1.000000 
_atom_sites.fract_transf_matrix[1][2]   0.000000 
_atom_sites.fract_transf_matrix[1][3]   0.000000 
_atom_sites.fract_transf_matrix[2][1]   0.000000 
_atom_sites.fract_transf_matrix[2][2]   1.000000 
_atom_sites.fract_transf_matrix[2][3]   0.000000 
_atom_sites.fract_transf_matrix[3][1]   0.000000 
_atom_sites.fract_transf_matrix[3][2]   0.000000 
_atom_sites.fract_transf_matrix[3][3]   1.000000 
_atom_sites.fract_transf_vector[1]      0.00000 
_atom_sites.fract_transf_vector[2]      0.00000 
_atom_sites.fract_transf_vector[3]      0.00000 
# 
loop_
_atom_type.symbol 
C 
H 
N 
O 
P 
# 
loop_
_atom_site.group_PDB 
_atom_site.id 
_atom_site.type_symbol 
_atom_site.label_atom_id 
_atom_site.label_alt_id 
_atom_site.label_comp_id 
_atom_site.label_asym_id 
_atom_site.label_entity_id 
_atom_site.label_seq_id 
_atom_site.pdbx_PDB_ins_code 
_atom_site.Cartn_x 
_atom_site.Cartn_y 
_atom_site.Cartn_z 
_atom_site.occupancy 
_atom_site.B_iso_or_equiv 
_atom_site.pdbx_formal_charge 
_atom_site.auth_seq_id 
_atom_site.auth_comp_id 
_atom_site.auth_asym_id 
_atom_site.auth_atom_id 
_atom_site.pdbx_PDB_model_num 
HETATM 1   O "O5'"  . 6HG A 1 1  ? -1.106  -3.054  -16.603 1.00 1.85 ? 1  6HG A "O5'"  1 
HETATM 2   C "C5'"  . 6HG A 1 1  ? 0.105   -3.453  -17.257 1.00 1.81 ? 1  6HG A "C5'"  1 
HETATM 3   C "C4'"  . 6HG A 1 1  ? 0.727   -2.318  -18.054 1.00 1.65 ? 1  6HG A "C4'"  1 
HETATM 4   O "O4'"  . 6HG A 1 1  ? -0.226  -1.798  -18.996 1.00 1.68 ? 1  6HG A "O4'"  1 
HETATM 5   C "C3'"  . 6HG A 1 1  ? 1.197   -1.213  -17.116 1.00 1.47 ? 1  6HG A "C3'"  1 
HETATM 6   O "O3'"  . 6HG A 1 1  ? 2.198   -1.712  -16.228 1.00 1.50 ? 1  6HG A "O3'"  1 
HETATM 7   C "C2'"  . 6HG A 1 1  ? 1.748   -0.039  -17.924 1.00 1.40 ? 1  6HG A "C2'"  1 
HETATM 8   C "C1'"  . 6HG A 1 1  ? 0.719   0.468   -18.933 1.00 1.42 ? 1  6HG A "C1'"  1 
HETATM 9   C "C6'"  . 6HG A 1 1  ? 0.248   -0.705  -19.801 1.00 1.60 ? 1  6HG A "C6'"  1 
HETATM 10  N N9     . 6HG A 1 1  ? -0.422  1.103   -18.236 1.00 1.36 ? 1  6HG A N9     1 
HETATM 11  C C8     . 6HG A 1 1  ? -1.490  0.535   -17.621 1.00 1.45 ? 1  6HG A C8     1 
HETATM 12  N N7     . 6HG A 1 1  ? -2.351  1.324   -17.068 1.00 1.42 ? 1  6HG A N7     1 
HETATM 13  C C5     . 6HG A 1 1  ? -1.803  2.581   -17.339 1.00 1.29 ? 1  6HG A C5     1 
HETATM 14  C C6     . 6HG A 1 1  ? -2.276  3.879   -16.995 1.00 1.27 ? 1  6HG A C6     1 
HETATM 15  O O6     . 6HG A 1 1  ? -3.288  4.184   -16.371 1.00 1.33 ? 1  6HG A O6     1 
HETATM 16  N N1     . 6HG A 1 1  ? -1.425  4.870   -17.459 1.00 1.26 ? 1  6HG A N1     1 
HETATM 17  C C2     . 6HG A 1 1  ? -0.263  4.650   -18.168 1.00 1.26 ? 1  6HG A C2     1 
HETATM 18  N N2     . 6HG A 1 1  ? 0.418   5.728   -18.536 1.00 1.35 ? 1  6HG A N2     1 
HETATM 19  N N3     . 6HG A 1 1  ? 0.190   3.438   -18.497 1.00 1.26 ? 1  6HG A N3     1 
HETATM 20  C C4     . 6HG A 1 1  ? -0.621  2.453   -18.054 1.00 1.27 ? 1  6HG A C4     1 
HETATM 21  H "H5'"  . 6HG A 1 1  ? -0.109  -4.249  -17.957 1.00 1.97 ? 1  6HG A "H5'"  1 
HETATM 22  H "H5''" . 6HG A 1 1  ? 0.814   -3.811  -16.495 1.00 1.83 ? 1  6HG A "H5''" 1 
HETATM 23  H "H4'"  . 6HG A 1 1  ? 1.590   -2.702  -18.601 1.00 1.71 ? 1  6HG A "H4'"  1 
HETATM 24  H "H3'"  . 6HG A 1 1  ? 0.343   -0.865  -16.532 1.00 1.45 ? 1  6HG A "H3'"  1 
HETATM 25  H "H2'"  . 6HG A 1 1  ? 2.018   0.769   -17.246 1.00 1.33 ? 1  6HG A "H2'"  1 
HETATM 26  H "H2''" . 6HG A 1 1  ? 2.645   -0.359  -18.452 1.00 1.46 ? 1  6HG A "H2''" 1 
HETATM 27  H "H1'"  . 6HG A 1 1  ? 1.194   1.212   -19.576 1.00 1.43 ? 1  6HG A "H1'"  1 
HETATM 28  H "H6'1" . 6HG A 1 1  ? 1.072   -1.048  -20.421 1.00 1.67 ? 1  6HG A "H6'1" 1 
HETATM 29  H "H6'2" . 6HG A 1 1  ? -0.554  -0.368  -20.455 1.00 1.66 ? 1  6HG A "H6'2" 1 
HETATM 30  H H8     . 6HG A 1 1  ? -1.618  -0.547  -17.595 1.00 1.60 ? 1  6HG A H8     1 
HETATM 31  H H1     . 6HG A 1 1  ? -1.698  5.820   -17.249 1.00 1.30 ? 1  6HG A H1     1 
HETATM 32  H H21    . 6HG A 1 1  ? 1.272   5.626   -19.063 1.00 1.41 ? 1  6HG A H21    1 
HETATM 33  H H22    . 6HG A 1 1  ? 0.084   6.650   -18.282 1.00 1.42 ? 1  6HG A H22    1 
HETATM 34  H "HO5'" . 6HG A 1 1  ? -1.698  -2.718  -17.281 1.00 1.99 ? 1  6HG A "HO5'" 1 
HETATM 35  P P      . 6HC A 1 2  ? 2.349   -1.095  -14.748 1.00 1.42 ? 2  6HC A P      1 
HETATM 36  O OP1    . 6HC A 1 2  ? 3.431   -1.822  -14.049 1.00 1.53 ? 2  6HC A OP1    1 
HETATM 37  O OP2    . 6HC A 1 2  ? 1.000   -1.011  -14.145 1.00 1.51 ? 2  6HC A OP2    1 
HETATM 38  O "O5'"  . 6HC A 1 2  ? 2.857   0.400   -15.049 1.00 1.27 ? 2  6HC A "O5'"  1 
HETATM 39  C "C5'"  . 6HC A 1 2  ? 4.128   0.639   -15.671 1.00 1.31 ? 2  6HC A "C5'"  1 
HETATM 40  C "C4'"  . 6HC A 1 2  ? 4.277   2.082   -16.115 1.00 1.25 ? 2  6HC A "C4'"  1 
HETATM 41  O "O4'"  . 6HC A 1 2  ? 3.206   2.417   -17.016 1.00 1.23 ? 2  6HC A "O4'"  1 
HETATM 42  C "C3'"  . 6HC A 1 2  ? 4.265   3.005   -14.896 1.00 1.22 ? 2  6HC A "C3'"  1 
HETATM 43  O "O3'"  . 6HC A 1 2  ? 5.403   2.749   -14.071 1.00 1.34 ? 2  6HC A "O3'"  1 
HETATM 44  C "C2'"  . 6HC A 1 2  ? 4.264   4.466   -15.335 1.00 1.26 ? 2  6HC A "C2'"  1 
HETATM 45  C "C1'"  . 6HC A 1 2  ? 3.112   4.753   -16.295 1.00 1.23 ? 2  6HC A "C1'"  1 
HETATM 46  C "C6'"  . 6HC A 1 2  ? 3.187   3.776   -17.472 1.00 1.28 ? 2  6HC A "C6'"  1 
HETATM 47  N N1     . 6HC A 1 2  ? 1.808   4.651   -15.594 1.00 1.13 ? 2  6HC A N1     1 
HETATM 48  C C2     . 6HC A 1 2  ? 1.194   5.836   -15.230 1.00 1.16 ? 2  6HC A C2     1 
HETATM 49  O O2     . 6HC A 1 2  ? 1.741   6.911   -15.463 1.00 1.30 ? 2  6HC A O2     1 
HETATM 50  N N3     . 6HC A 1 2  ? -0.014  5.776   -14.611 1.00 1.11 ? 2  6HC A N3     1 
HETATM 51  C C4     . 6HC A 1 2  ? -0.600  4.602   -14.356 1.00 1.07 ? 2  6HC A C4     1 
HETATM 52  N N4     . 6HC A 1 2  ? -1.786  4.586   -13.752 1.00 1.10 ? 2  6HC A N4     1 
HETATM 53  C C5     . 6HC A 1 2  ? 0.028   3.372   -14.724 1.00 1.10 ? 2  6HC A C5     1 
HETATM 54  C C6     . 6HC A 1 2  ? 1.225   3.439   -15.339 1.00 1.11 ? 2  6HC A C6     1 
HETATM 55  H "H5'"  . 6HC A 1 2  ? 4.218   0.026   -16.558 1.00 1.40 ? 2  6HC A "H5'"  1 
HETATM 56  H "H5''" . 6HC A 1 2  ? 4.923   0.378   -14.957 1.00 1.40 ? 2  6HC A "H5''" 1 
HETATM 57  H "H4'"  . 6HC A 1 2  ? 5.228   2.196   -16.636 1.00 1.34 ? 2  6HC A "H4'"  1 
HETATM 58  H "H3'"  . 6HC A 1 2  ? 3.360   2.811   -14.318 1.00 1.19 ? 2  6HC A "H3'"  1 
HETATM 59  H "H2'"  . 6HC A 1 2  ? 4.169   5.105   -14.458 1.00 1.28 ? 2  6HC A "H2'"  1 
HETATM 60  H "H2''" . 6HC A 1 2  ? 5.206   4.694   -15.828 1.00 1.37 ? 2  6HC A "H2''" 1 
HETATM 61  H "H1'"  . 6HC A 1 2  ? 3.223   5.769   -16.680 1.00 1.33 ? 2  6HC A "H1'"  1 
HETATM 62  H "H6'1" . 6HC A 1 2  ? 4.091   3.976   -18.049 1.00 1.39 ? 2  6HC A "H6'1" 1 
HETATM 63  H "H6'2" . 6HC A 1 2  ? 2.320   3.927   -18.117 1.00 1.33 ? 2  6HC A "H6'2" 1 
HETATM 64  H H41    . 6HC A 1 2  ? -2.241  3.708   -13.554 1.00 1.15 ? 2  6HC A H41    1 
HETATM 65  H H42    . 6HC A 1 2  ? -2.234  5.461   -13.494 1.00 1.12 ? 2  6HC A H42    1 
HETATM 66  H H5     . 6HC A 1 2  ? -0.444  2.412   -14.517 1.00 1.16 ? 2  6HC A H5     1 
HETATM 67  H H6     . 6HC A 1 2  ? 1.731   2.523   -15.636 1.00 1.16 ? 2  6HC A H6     1 
HETATM 68  P P      . 6HG A 1 3  ? 5.275   2.835   -12.470 1.00 1.48 ? 3  6HG A P      1 
HETATM 69  O OP1    . 6HG A 1 3  ? 6.567   2.419   -11.884 1.00 1.66 ? 3  6HG A OP1    1 
HETATM 70  O OP2    . 6HG A 1 3  ? 4.025   2.151   -12.074 1.00 1.51 ? 3  6HG A OP2    1 
HETATM 71  O "O5'"  . 6HG A 1 3  ? 5.087   4.415   -12.216 1.00 1.51 ? 3  6HG A "O5'"  1 
HETATM 72  C "C5'"  . 6HG A 1 3  ? 6.175   5.327   -12.432 1.00 1.57 ? 3  6HG A "C5'"  1 
HETATM 73  C "C4'"  . 6HG A 1 3  ? 5.739   6.782   -12.349 1.00 1.57 ? 3  6HG A "C4'"  1 
HETATM 74  O "O4'"  . 6HG A 1 3  ? 4.744   7.054   -13.350 1.00 1.52 ? 3  6HG A "O4'"  1 
HETATM 75  C "C3'"  . 6HG A 1 3  ? 5.194   7.094   -10.953 1.00 1.57 ? 3  6HG A "C3'"  1 
HETATM 76  O "O3'"  . 6HG A 1 3  ? 6.220   6.931   -9.969  1.00 1.67 ? 3  6HG A "O3'"  1 
HETATM 77  C "C2'"  . 6HG A 1 3  ? 4.653   8.524   -10.909 1.00 1.59 ? 3  6HG A "C2'"  1 
HETATM 78  C "C1'"  . 6HG A 1 3  ? 3.622   8.759   -12.011 1.00 1.52 ? 3  6HG A "C1'"  1 
HETATM 79  C "C6'"  . 6HG A 1 3  ? 4.247   8.400   -13.358 1.00 1.55 ? 3  6HG A "C6'"  1 
HETATM 80  N N9     . 6HG A 1 3  ? 2.413   7.950   -11.764 1.00 1.41 ? 3  6HG A N9     1 
HETATM 81  C C8     . 6HG A 1 3  ? 2.220   6.613   -11.904 1.00 1.36 ? 3  6HG A C8     1 
HETATM 82  N N7     . 6HG A 1 3  ? 1.062   6.141   -11.593 1.00 1.28 ? 3  6HG A N7     1 
HETATM 83  C C5     . 6HG A 1 3  ? 0.383   7.295   -11.196 1.00 1.27 ? 3  6HG A C5     1 
HETATM 84  C C6     . 6HG A 1 3  ? -0.948  7.451   -10.733 1.00 1.21 ? 3  6HG A C6     1 
HETATM 85  O O6     . 6HG A 1 3  ? -1.805  6.589   -10.581 1.00 1.15 ? 3  6HG A O6     1 
HETATM 86  N N1     . 6HG A 1 3  ? -1.233  8.777   -10.441 1.00 1.26 ? 3  6HG A N1     1 
HETATM 87  C C2     . 6HG A 1 3  ? -0.352  9.825   -10.577 1.00 1.36 ? 3  6HG A C2     1 
HETATM 88  N N2     . 6HG A 1 3  ? -0.813  11.028  -10.262 1.00 1.42 ? 3  6HG A N2     1 
HETATM 89  N N3     . 6HG A 1 3  ? 0.901   9.691   -11.009 1.00 1.40 ? 3  6HG A N3     1 
HETATM 90  C C4     . 6HG A 1 3  ? 1.203   8.406   -11.300 1.00 1.35 ? 3  6HG A C4     1 
HETATM 91  H "H5'"  . 6HG A 1 3  ? 6.577   5.178   -13.426 1.00 1.60 ? 3  6HG A "H5'"  1 
HETATM 92  H "H5''" . 6HG A 1 3  ? 6.955   5.123   -11.684 1.00 1.64 ? 3  6HG A "H5''" 1 
HETATM 93  H "H4'"  . 6HG A 1 3  ? 6.607   7.415   -12.532 1.00 1.65 ? 3  6HG A "H4'"  1 
HETATM 94  H "H3'"  . 6HG A 1 3  ? 4.379   6.404   -10.733 1.00 1.50 ? 3  6HG A "H3'"  1 
HETATM 95  H "H2'"  . 6HG A 1 3  ? 4.192   8.705   -9.939  1.00 1.58 ? 3  6HG A "H2'"  1 
HETATM 96  H "H2''" . 6HG A 1 3  ? 5.478   9.220   -11.035 1.00 1.69 ? 3  6HG A "H2''" 1 
HETATM 97  H "H1'"  . 6HG A 1 3  ? 3.345   9.814   -12.019 1.00 1.57 ? 3  6HG A "H1'"  1 
HETATM 98  H "H6'1" . 6HG A 1 3  ? 5.064   9.084   -13.572 1.00 1.64 ? 3  6HG A "H6'1" 1 
HETATM 99  H "H6'2" . 6HG A 1 3  ? 3.499   8.502   -14.141 1.00 1.52 ? 3  6HG A "H6'2" 1 
HETATM 100 H H8     . 6HG A 1 3  ? 3.015   5.962   -12.269 1.00 1.41 ? 3  6HG A H8     1 
HETATM 101 H H1     . 6HG A 1 3  ? -2.169  8.964   -10.101 1.00 1.24 ? 3  6HG A H1     1 
HETATM 102 H H21    . 6HG A 1 3  ? -0.215  11.834  -10.350 1.00 1.51 ? 3  6HG A H21    1 
HETATM 103 H H22    . 6HG A 1 3  ? -1.765  11.136  -9.926  1.00 1.40 ? 3  6HG A H22    1 
HETATM 104 P P      . 6HC A 1 4  ? 5.880   6.293   -8.527  1.00 1.67 ? 4  6HC A P      1 
HETATM 105 O OP1    . 6HC A 1 4  ? 7.152   6.097   -7.797  1.00 1.84 ? 4  6HC A OP1    1 
HETATM 106 O OP2    . 6HC A 1 4  ? 4.959   5.154   -8.732  1.00 1.59 ? 4  6HC A OP2    1 
HETATM 107 O "O5'"  . 6HC A 1 4  ? 5.059   7.473   -7.803  1.00 1.62 ? 4  6HC A "O5'"  1 
HETATM 108 C "C5'"  . 6HC A 1 4  ? 5.614   8.791   -7.673  1.00 1.67 ? 4  6HC A "C5'"  1 
HETATM 109 C "C4'"  . 6HC A 1 4  ? 4.532   9.847   -7.540  1.00 1.59 ? 4  6HC A "C4'"  1 
HETATM 110 O "O4'"  . 6HC A 1 4  ? 3.661   9.779   -8.678  1.00 1.55 ? 4  6HC A "O4'"  1 
HETATM 111 C "C3'"  . 6HC A 1 4  ? 3.746   9.638   -6.245  1.00 1.49 ? 4  6HC A "C3'"  1 
HETATM 112 O "O3'"  . 6HC A 1 4  ? 4.599   9.842   -5.114  1.00 1.55 ? 4  6HC A "O3'"  1 
HETATM 113 C "C2'"  . 6HC A 1 4  ? 2.563   10.602  -6.176  1.00 1.43 ? 4  6HC A "C2'"  1 
HETATM 114 C "C1'"  . 6HC A 1 4  ? 1.696   10.527  -7.433  1.00 1.39 ? 4  6HC A "C1'"  1 
HETATM 115 C "C6'"  . 6HC A 1 4  ? 2.573   10.711  -8.671  1.00 1.50 ? 4  6HC A "C6'"  1 
HETATM 116 N N1     . 6HC A 1 4  ? 0.953   9.245   -7.483  1.00 1.29 ? 4  6HC A N1     1 
HETATM 117 C C2     . 6HC A 1 4  ? -0.364  9.271   -7.066  1.00 1.19 ? 4  6HC A C2     1 
HETATM 118 O O2     . 6HC A 1 4  ? -0.860  10.319  -6.670  1.00 1.20 ? 4  6HC A O2     1 
HETATM 119 N N3     . 6HC A 1 4  ? -1.086  8.120   -7.114  1.00 1.12 ? 4  6HC A N3     1 
HETATM 120 C C4     . 6HC A 1 4  ? -0.541  6.984   -7.556  1.00 1.15 ? 4  6HC A C4     1 
HETATM 121 N N4     . 6HC A 1 4  ? -1.284  5.879   -7.586  1.00 1.10 ? 4  6HC A N4     1 
HETATM 122 C C5     . 6HC A 1 4  ? 0.822   6.943   -7.991  1.00 1.25 ? 4  6HC A C5     1 
HETATM 123 C C6     . 6HC A 1 4  ? 1.531   8.089   -7.938  1.00 1.32 ? 4  6HC A C6     1 
HETATM 124 H "H5'"  . 6HC A 1 4  ? 6.184   9.034   -8.559  1.00 1.75 ? 4  6HC A "H5'"  1 
HETATM 125 H "H5''" . 6HC A 1 4  ? 6.272   8.809   -6.790  1.00 1.71 ? 4  6HC A "H5''" 1 
HETATM 126 H "H4'"  . 6HC A 1 4  ? 5.002   10.830  -7.511  1.00 1.67 ? 4  6HC A "H4'"  1 
HETATM 127 H "H3'"  . 6HC A 1 4  ? 3.368   8.614   -6.225  1.00 1.45 ? 4  6HC A "H3'"  1 
HETATM 128 H "H2'"  . 6HC A 1 4  ? 1.954   10.361  -5.307  1.00 1.37 ? 4  6HC A "H2'"  1 
HETATM 129 H "H2''" . 6HC A 1 4  ? 2.939   11.616  -6.061  1.00 1.51 ? 4  6HC A "H2''" 1 
HETATM 130 H "H1'"  . 6HC A 1 4  ? 0.972   11.344  -7.401  1.00 1.39 ? 4  6HC A "H1'"  1 
HETATM 131 H "H6'1" . 6HC A 1 4  ? 2.966   11.725  -8.686  1.00 1.59 ? 4  6HC A "H6'1" 1 
HETATM 132 H "H6'2" . 6HC A 1 4  ? 1.969   10.564  -9.563  1.00 1.47 ? 4  6HC A "H6'2" 1 
HETATM 133 H H41    . 6HC A 1 4  ? -2.250  5.907   -7.275  1.00 1.05 ? 4  6HC A H41    1 
HETATM 134 H H42    . 6HC A 1 4  ? -0.889  5.013   -7.923  1.00 1.15 ? 4  6HC A H42    1 
HETATM 135 H H5     . 6HC A 1 4  ? 1.272   6.018   -8.354  1.00 1.29 ? 4  6HC A H5     1 
HETATM 136 H H6     . 6HC A 1 4  ? 2.573   8.096   -8.260  1.00 1.42 ? 4  6HC A H6     1 
HETATM 137 P P      . 6HT A 1 5  ? 4.517   8.876   -3.828  1.00 1.50 ? 5  6HT A P      1 
HETATM 138 O OP1    . 6HT A 1 5  ? 5.518   9.338   -2.842  1.00 1.63 ? 5  6HT A OP1    1 
HETATM 139 O OP2    . 6HT A 1 5  ? 4.540   7.475   -4.301  1.00 1.51 ? 5  6HT A OP2    1 
HETATM 140 O "O5'"  . 6HT A 1 5  ? 3.046   9.184   -3.241  1.00 1.35 ? 5  6HT A "O5'"  1 
HETATM 141 C "C5'"  . 6HT A 1 5  ? 2.697   10.494  -2.759  1.00 1.31 ? 5  6HT A "C5'"  1 
HETATM 142 C "C4'"  . 6HT A 1 5  ? 1.202   10.639  -2.521  1.00 1.15 ? 5  6HT A "C4'"  1 
HETATM 143 O "O4'"  . 6HT A 1 5  ? 0.488   10.401  -3.748  1.00 1.13 ? 5  6HT A "O4'"  1 
HETATM 144 C "C3'"  . 6HT A 1 5  ? 0.746   9.662   -1.434  1.00 1.04 ? 5  6HT A "C3'"  1 
HETATM 145 O "O3'"  . 6HT A 1 5  ? 1.362   9.994   -0.186  1.00 1.08 ? 5  6HT A "O3'"  1 
HETATM 146 C "C2'"  . 6HT A 1 5  ? -0.773  9.703   -1.291  1.00 0.92 ? 5  6HT A "C2'"  1 
HETATM 147 C "C1'"  . 6HT A 1 5  ? -1.467  9.436   -2.626  1.00 0.89 ? 5  6HT A "C1'"  1 
HETATM 148 C "C6'"  . 6HT A 1 5  ? -0.946  10.447  -3.650  1.00 1.02 ? 5  6HT A "C6'"  1 
HETATM 149 N N1     . 6HT A 1 5  ? -1.222  8.043   -3.090  1.00 0.87 ? 5  6HT A N1     1 
HETATM 150 C C2     . 6HT A 1 5  ? -2.229  7.104   -2.897  1.00 0.77 ? 5  6HT A C2     1 
HETATM 151 O O2     . 6HT A 1 5  ? -3.296  7.380   -2.351  1.00 0.72 ? 5  6HT A O2     1 
HETATM 152 N N3     . 6HT A 1 5  ? -1.964  5.828   -3.362  1.00 0.80 ? 5  6HT A N3     1 
HETATM 153 C C4     . 6HT A 1 5  ? -0.808  5.413   -3.992  1.00 0.91 ? 5  6HT A C4     1 
HETATM 154 O O4     . 6HT A 1 5  ? -0.685  4.252   -4.372  1.00 0.97 ? 5  6HT A O4     1 
HETATM 155 C C5     . 6HT A 1 5  ? 0.184   6.454   -4.147  1.00 1.01 ? 5  6HT A C5     1 
HETATM 156 C C5M    . 6HT A 1 5  ? 1.516   6.136   -4.817  1.00 1.17 ? 5  6HT A C5M    1 
HETATM 157 C C6     . 6HT A 1 5  ? -0.046  7.704   -3.705  1.00 0.99 ? 5  6HT A C6     1 
HETATM 158 H "H5'"  . 6HT A 1 5  ? 2.971   11.234  -3.498  1.00 1.40 ? 5  6HT A "H5'"  1 
HETATM 159 H "H5''" . 6HT A 1 5  ? 3.248   10.681  -1.825  1.00 1.34 ? 5  6HT A "H5''" 1 
HETATM 160 H "H4'"  . 6HT A 1 5  ? 0.998   11.655  -2.184  1.00 1.18 ? 5  6HT A "H4'"  1 
HETATM 161 H "H3'"  . 6HT A 1 5  ? 1.046   8.653   -1.721  1.00 1.06 ? 5  6HT A "H3'"  1 
HETATM 162 H "H2'"  . 6HT A 1 5  ? -1.087  8.961   -0.567  1.00 0.88 ? 5  6HT A "H2'"  1 
HETATM 163 H "H2''" . 6HT A 1 5  ? -1.069  10.683  -0.926  1.00 0.93 ? 5  6HT A "H2''" 1 
HETATM 164 H "H1'"  . 6HT A 1 5  ? -2.542  9.583   -2.501  1.00 0.84 ? 5  6HT A "H1'"  1 
HETATM 165 H "H6'1" . 6HT A 1 5  ? -1.256  11.447  -3.357  1.00 1.06 ? 5  6HT A "H6'1" 1 
HETATM 166 H "H6'2" . 6HT A 1 5  ? -1.377  10.226  -4.622  1.00 1.04 ? 5  6HT A "H6'2" 1 
HETATM 167 H H3     . 6HT A 1 5  ? -2.690  5.131   -3.232  1.00 0.78 ? 5  6HT A H3     1 
HETATM 168 H H71    . 6HT A 1 5  ? 1.470   5.143   -5.265  1.00 1.24 ? 5  6HT A H71    1 
HETATM 169 H H72    . 6HT A 1 5  ? 2.311   6.164   -4.074  1.00 1.24 ? 5  6HT A H72    1 
HETATM 170 H H73    . 6HT A 1 5  ? 1.718   6.874   -5.593  1.00 1.25 ? 5  6HT A H73    1 
HETATM 171 H H6     . 6HT A 1 5  ? 0.724   8.465   -3.840  1.00 1.12 ? 5  6HT A H6     1 
HETATM 172 P P      . 6HT A 1 6  ? 1.823   8.838   0.838   1.00 1.09 ? 6  6HT A P      1 
HETATM 173 O OP1    . 6HT A 1 6  ? 2.575   9.472   1.944   1.00 1.19 ? 6  6HT A OP1    1 
HETATM 174 O OP2    . 6HT A 1 6  ? 2.443   7.746   0.053   1.00 1.19 ? 6  6HT A OP2    1 
HETATM 175 O "O5'"  . 6HT A 1 6  ? 0.419   8.303   1.422   1.00 0.95 ? 6  6HT A "O5'"  1 
HETATM 176 C "C5'"  . 6HT A 1 6  ? -0.469  9.183   2.134   1.00 0.90 ? 6  6HT A "C5'"  1 
HETATM 177 C "C4'"  . 6HT A 1 6  ? -1.908  8.696   2.091   1.00 0.80 ? 6  6HT A "C4'"  1 
HETATM 178 O "O4'"  . 6HT A 1 6  ? -2.325  8.572   0.718   1.00 0.77 ? 6  6HT A "O4'"  1 
HETATM 179 C "C3'"  . 6HT A 1 6  ? -2.028  7.356   2.825   1.00 0.81 ? 6  6HT A "C3'"  1 
HETATM 180 O "O3'"  . 6HT A 1 6  ? -1.768  7.534   4.220   1.00 0.87 ? 6  6HT A "O3'"  1 
HETATM 181 C "C2'"  . 6HT A 1 6  ? -3.418  6.757   2.629   1.00 0.74 ? 6  6HT A "C2'"  1 
HETATM 182 C "C1'"  . 6HT A 1 6  ? -3.772  6.651   1.148   1.00 0.69 ? 6  6HT A "C1'"  1 
HETATM 183 C "C6'"  . 6HT A 1 6  ? -3.639  8.034   0.513   1.00 0.71 ? 6  6HT A "C6'"  1 
HETATM 184 N N1     . 6HT A 1 6  ? -2.890  5.666   0.471   1.00 0.71 ? 6  6HT A N1     1 
HETATM 185 C C2     . 6HT A 1 6  ? -3.415  4.416   0.218   1.00 0.69 ? 6  6HT A C2     1 
HETATM 186 O O2     . 6HT A 1 6  ? -4.561  4.109   0.542   1.00 0.68 ? 6  6HT A O2     1 
HETATM 187 N N3     . 6HT A 1 6  ? -2.574  3.520   -0.411  1.00 0.75 ? 6  6HT A N3     1 
HETATM 188 C C4     . 6HT A 1 6  ? -1.273  3.758   -0.802  1.00 0.83 ? 6  6HT A C4     1 
HETATM 189 O O4     . 6HT A 1 6  ? -0.616  2.879   -1.354  1.00 0.90 ? 6  6HT A O4     1 
HETATM 190 C C5     . 6HT A 1 6  ? -0.802  5.088   -0.496  1.00 0.86 ? 6  6HT A C5     1 
HETATM 191 C C5M    . 6HT A 1 6  ? 0.623   5.489   -0.868  1.00 1.01 ? 6  6HT A C5M    1 
HETATM 192 C C6     . 6HT A 1 6  ? -1.604  5.981   0.116   1.00 0.81 ? 6  6HT A C6     1 
HETATM 193 H "H5'"  . 6HT A 1 6  ? -0.454  10.162  1.673   1.00 0.93 ? 6  6HT A "H5'"  1 
HETATM 194 H "H5''" . 6HT A 1 6  ? -0.126  9.258   3.178   1.00 0.94 ? 6  6HT A "H5''" 1 
HETATM 195 H "H4'"  . 6HT A 1 6  ? -2.543  9.428   2.591   1.00 0.79 ? 6  6HT A "H4'"  1 
HETATM 196 H "H3'"  . 6HT A 1 6  ? -1.288  6.667   2.416   1.00 0.85 ? 6  6HT A "H3'"  1 
HETATM 197 H "H2'"  . 6HT A 1 6  ? -3.450  5.767   3.077   1.00 0.77 ? 6  6HT A "H2'"  1 
HETATM 198 H "H2''" . 6HT A 1 6  ? -4.152  7.384   3.129   1.00 0.75 ? 6  6HT A "H2''" 1 
HETATM 199 H "H1'"  . 6HT A 1 6  ? -4.808  6.320   1.055   1.00 0.67 ? 6  6HT A "H1'"  1 
HETATM 200 H "H6'1" . 6HT A 1 6  ? -4.377  8.703   0.953   1.00 0.71 ? 6  6HT A "H6'1" 1 
HETATM 201 H "H6'2" . 6HT A 1 6  ? -3.835  7.960   -0.554  1.00 0.71 ? 6  6HT A "H6'2" 1 
HETATM 202 H H3     . 6HT A 1 6  ? -2.946  2.595   -0.592  1.00 0.77 ? 6  6HT A H3     1 
HETATM 203 H H71    . 6HT A 1 6  ? 1.179   5.733   0.038   1.00 1.13 ? 6  6HT A H71    1 
HETATM 204 H H72    . 6HT A 1 6  ? 1.113   4.662   -1.383  1.00 1.08 ? 6  6HT A H72    1 
HETATM 205 H H73    . 6HT A 1 6  ? 0.597   6.359   -1.521  1.00 1.07 ? 6  6HT A H73    1 
HETATM 206 H H6     . 6HT A 1 6  ? -1.216  6.970   0.343   1.00 0.87 ? 6  6HT A H6     1 
HETATM 207 P P      . 6HT A 1 7  ? -1.239  6.305   5.116   1.00 0.94 ? 7  6HT A P      1 
HETATM 208 O OP1    . 6HT A 1 7  ? -0.703  6.856   6.382   1.00 1.06 ? 7  6HT A OP1    1 
HETATM 209 O OP2    . 6HT A 1 7  ? -0.387  5.448   4.261   1.00 1.02 ? 7  6HT A OP2    1 
HETATM 210 O "O5'"  . 6HT A 1 7  ? -2.596  5.494   5.446   1.00 0.85 ? 7  6HT A "O5'"  1 
HETATM 211 C "C5'"  . 6HT A 1 7  ? -3.665  6.117   6.180   1.00 0.84 ? 7  6HT A "C5'"  1 
HETATM 212 C "C4'"  . 6HT A 1 7  ? -4.990  5.379   6.033   1.00 0.79 ? 7  6HT A "C4'"  1 
HETATM 213 O "O4'"  . 6HT A 1 7  ? -5.328  5.254   4.636   1.00 0.75 ? 7  6HT A "O4'"  1 
HETATM 214 C "C3'"  . 6HT A 1 7  ? -4.926  4.000   6.704   1.00 0.80 ? 7  6HT A "C3'"  1 
HETATM 215 O "O3'"  . 6HT A 1 7  ? -4.676  4.143   8.103   1.00 0.86 ? 7  6HT A "O3'"  1 
HETATM 216 C "C2'"  . 6HT A 1 7  ? -6.235  3.262   6.462   1.00 0.78 ? 7  6HT A "C2'"  1 
HETATM 217 C "C1'"  . 6HT A 1 7  ? -6.474  3.113   4.963   1.00 0.74 ? 7  6HT A "C1'"  1 
HETATM 218 C "C6'"  . 6HT A 1 7  ? -6.532  4.511   4.350   1.00 0.74 ? 7  6HT A "C6'"  1 
HETATM 219 N N1     . 6HT A 1 7  ? -5.383  2.316   4.350   1.00 0.73 ? 7  6HT A N1     1 
HETATM 220 C C2     . 6HT A 1 7  ? -5.586  0.958   4.193   1.00 0.74 ? 7  6HT A C2     1 
HETATM 221 O O2     . 6HT A 1 7  ? -6.646  0.412   4.497   1.00 0.75 ? 7  6HT A O2     1 
HETATM 222 N N3     . 6HT A 1 7  ? -4.532  0.246   3.661   1.00 0.77 ? 7  6HT A N3     1 
HETATM 223 C C4     . 6HT A 1 7  ? -3.310  0.763   3.275   1.00 0.78 ? 7  6HT A C4     1 
HETATM 224 O O4     . 6HT A 1 7  ? -2.437  0.031   2.823   1.00 0.83 ? 7  6HT A O4     1 
HETATM 225 C C5     . 6HT A 1 7  ? -3.186  2.186   3.468   1.00 0.77 ? 7  6HT A C5     1 
HETATM 226 C C5M    . 6HT A 1 7  ? -1.886  2.886   3.083   1.00 0.82 ? 7  6HT A C5M    1 
HETATM 227 C C6     . 6HT A 1 7  ? -4.197  2.904   3.983   1.00 0.75 ? 7  6HT A C6     1 
HETATM 228 H "H5'"  . 6HT A 1 7  ? -3.823  7.119   5.800   1.00 0.85 ? 7  6HT A "H5'"  1 
HETATM 229 H "H5''" . 6HT A 1 7  ? -3.378  6.166   7.241   1.00 0.90 ? 7  6HT A "H5''" 1 
HETATM 230 H "H4'"  . 6HT A 1 7  ? -5.765  5.964   6.528   1.00 0.80 ? 7  6HT A "H4'"  1 
HETATM 231 H "H3'"  . 6HT A 1 7  ? -4.115  3.413   6.258   1.00 0.81 ? 7  6HT A "H3'"  1 
HETATM 232 H "H2'"  . 6HT A 1 7  ? -6.194  2.280   6.926   1.00 0.79 ? 7  6HT A "H2'"  1 
HETATM 233 H "H2''" . 6HT A 1 7  ? -7.054  3.825   6.906   1.00 0.79 ? 7  6HT A "H2''" 1 
HETATM 234 H "H1'"  . 6HT A 1 7  ? -7.428  2.606   4.797   1.00 0.75 ? 7  6HT A "H1'"  1 
HETATM 235 H "H6'1" . 6HT A 1 7  ? -7.389  5.046   4.752   1.00 0.76 ? 7  6HT A "H6'1" 1 
HETATM 236 H "H6'2" . 6HT A 1 7  ? -6.655  4.426   3.273   1.00 0.74 ? 7  6HT A "H6'2" 1 
HETATM 237 H H3     . 6HT A 1 7  ? -4.663  -0.754  3.552   1.00 0.81 ? 7  6HT A H3     1 
HETATM 238 H H71    . 6HT A 1 7  ? -1.092  2.148   2.979   1.00 1.18 ? 7  6HT A H71    1 
HETATM 239 H H72    . 6HT A 1 7  ? -1.615  3.602   3.859   1.00 1.32 ? 7  6HT A H72    1 
HETATM 240 H H73    . 6HT A 1 7  ? -2.020  3.410   2.138   1.00 1.04 ? 7  6HT A H73    1 
HETATM 241 H H6     . 6HT A 1 7  ? -4.072  3.977   4.115   1.00 0.77 ? 7  6HT A H6     1 
HETATM 242 P P      . 6HT A 1 8  ? -3.433  3.375   8.783   1.00 0.91 ? 8  6HT A P      1 
HETATM 243 O OP1    . 6HT A 1 8  ? -3.093  4.067   10.046  1.00 1.03 ? 8  6HT A OP1    1 
HETATM 244 O OP2    . 6HT A 1 8  ? -2.395  3.165   7.748   1.00 0.93 ? 8  6HT A OP2    1 
HETATM 245 O "O5'"  . 6HT A 1 8  ? -4.075  1.948   9.144   1.00 0.88 ? 8  6HT A "O5'"  1 
HETATM 246 C "C5'"  . 6HT A 1 8  ? -5.412  1.860   9.657   1.00 0.87 ? 8  6HT A "C5'"  1 
HETATM 247 C "C4'"  . 6HT A 1 8  ? -6.147  0.643   9.124   1.00 0.85 ? 8  6HT A "C4'"  1 
HETATM 248 O "O4'"  . 6HT A 1 8  ? -6.184  0.679   7.689   1.00 0.85 ? 8  6HT A "O4'"  1 
HETATM 249 C "C3'"  . 6HT A 1 8  ? -5.463  -0.633  9.591   1.00 0.86 ? 8  6HT A "C3'"  1 
HETATM 250 O "O3'"  . 6HT A 1 8  ? -5.434  -0.693  11.016  1.00 0.90 ? 8  6HT A "O3'"  1 
HETATM 251 C "C2'"  . 6HT A 1 8  ? -6.199  -1.839  9.026   1.00 0.87 ? 8  6HT A "C2'"  1 
HETATM 252 C "C1'"  . 6HT A 1 8  ? -6.262  -1.778  7.501   1.00 0.86 ? 8  6HT A "C1'"  1 
HETATM 253 C "C6'"  . 6HT A 1 8  ? -6.856  -0.430  7.068   1.00 0.86 ? 8  6HT A "C6'"  1 
HETATM 254 N N1     . 6HT A 1 8  ? -4.911  -2.001  6.922   1.00 0.86 ? 8  6HT A N1     1 
HETATM 255 C C2     . 6HT A 1 8  ? -4.585  -3.306  6.599   1.00 0.88 ? 8  6HT A C2     1 
HETATM 256 O O2     . 6HT A 1 8  ? -5.378  -4.235  6.746   1.00 0.92 ? 8  6HT A O2     1 
HETATM 257 N N3     . 6HT A 1 8  ? -3.319  -3.515  6.103   1.00 0.89 ? 8  6HT A N3     1 
HETATM 258 C C4     . 6HT A 1 8  ? -2.352  -2.552  5.899   1.00 0.88 ? 8  6HT A C4     1 
HETATM 259 O O4     . 6HT A 1 8  ? -1.254  -2.864  5.444   1.00 0.92 ? 8  6HT A O4     1 
HETATM 260 C C5     . 6HT A 1 8  ? -2.769  -1.211  6.260   1.00 0.87 ? 8  6HT A C5     1 
HETATM 261 C C5M    . 6HT A 1 8  ? -1.790  -0.051  6.096   1.00 0.90 ? 8  6HT A C5M    1 
HETATM 262 C C6     . 6HT A 1 8  ? -4.007  -0.973  6.747   1.00 0.86 ? 8  6HT A C6     1 
HETATM 263 H "H5'"  . 6HT A 1 8  ? -5.978  2.728   9.348   1.00 0.90 ? 8  6HT A "H5'"  1 
HETATM 264 H "H5''" . 6HT A 1 8  ? -5.365  1.818   10.756  1.00 0.89 ? 8  6HT A "H5''" 1 
HETATM 265 H "H4'"  . 6HT A 1 8  ? -7.168  0.654   9.505   1.00 0.86 ? 8  6HT A "H4'"  1 
HETATM 266 H "H3'"  . 6HT A 1 8  ? -4.438  -0.638  9.214   1.00 0.86 ? 8  6HT A "H3'"  1 
HETATM 267 H "H2'"  . 6HT A 1 8  ? -5.687  -2.748  9.329   1.00 0.88 ? 8  6HT A "H2'"  1 
HETATM 268 H "H2''" . 6HT A 1 8  ? -7.209  -1.863  9.428   1.00 0.88 ? 8  6HT A "H2''" 1 
HETATM 269 H "H1'"  . 6HT A 1 8  ? -6.922  -2.573  7.150   1.00 0.88 ? 8  6HT A "H1'"  1 
HETATM 270 H "H6'1" . 6HT A 1 8  ? -7.910  -0.405  7.333   1.00 0.88 ? 8  6HT A "H6'1" 1 
HETATM 271 H "H6'2" . 6HT A 1 8  ? -6.778  -0.337  5.986   1.00 0.88 ? 8  6HT A "H6'2" 1 
HETATM 272 H H3     . 6HT A 1 8  ? -3.075  -4.464  5.867   1.00 0.94 ? 8  6HT A H3     1 
HETATM 273 H H71    . 6HT A 1 8  ? -2.129  0.799   6.688   1.00 1.28 ? 8  6HT A H71    1 
HETATM 274 H H72    . 6HT A 1 8  ? -1.734  0.235   5.048   1.00 1.23 ? 8  6HT A H72    1 
HETATM 275 H H73    . 6HT A 1 8  ? -0.802  -0.359  6.439   1.00 1.36 ? 8  6HT A H73    1 
HETATM 276 H H6     . 6HT A 1 8  ? -4.293  0.053   6.995   1.00 0.87 ? 8  6HT A H6     1 
HETATM 277 P P      . 6HG A 1 9  ? -4.219  -1.435  11.761  1.00 0.93 ? 9  6HG A P      1 
HETATM 278 O OP1    . 6HG A 1 9  ? -4.290  -1.119  13.204  1.00 1.07 ? 9  6HG A OP1    1 
HETATM 279 O OP2    . 6HG A 1 9  ? -2.981  -1.160  10.997  1.00 0.96 ? 9  6HG A OP2    1 
HETATM 280 O "O5'"  . 6HG A 1 9  ? -4.596  -2.986  11.563  1.00 0.92 ? 9  6HG A "O5'"  1 
HETATM 281 C "C5'"  . 6HG A 1 9  ? -5.829  -3.518  12.074  1.00 0.93 ? 9  6HG A "C5'"  1 
HETATM 282 C "C4'"  . 6HG A 1 9  ? -6.068  -4.936  11.594  1.00 0.92 ? 9  6HG A "C4'"  1 
HETATM 283 O "O4'"  . 6HG A 1 9  ? -6.239  -4.928  10.161  1.00 1.02 ? 9  6HG A "O4'"  1 
HETATM 284 C "C3'"  . 6HG A 1 9  ? -4.887  -5.821  12.015  1.00 0.77 ? 9  6HG A "C3'"  1 
HETATM 285 O "O3'"  . 6HG A 1 9  ? -4.869  -5.973  13.438  1.00 0.76 ? 9  6HG A "O3'"  1 
HETATM 286 C "C2'"  . 6HG A 1 9  ? -4.970  -7.190  11.345  1.00 0.77 ? 9  6HG A "C2'"  1 
HETATM 287 C "C1'"  . 6HG A 1 9  ? -5.084  -7.040  9.833   1.00 0.86 ? 9  6HG A "C1'"  1 
HETATM 288 C "C6'"  . 6HG A 1 9  ? -6.328  -6.216  9.534   1.00 1.02 ? 9  6HG A "C6'"  1 
HETATM 289 N N9     . 6HG A 1 9  ? -3.880  -6.374  9.291   1.00 0.82 ? 9  6HG A N9     1 
HETATM 290 C C8     . 6HG A 1 9  ? -3.578  -5.053  9.221   1.00 0.88 ? 9  6HG A C8     1 
HETATM 291 N N7     . 6HG A 1 9  ? -2.438  -4.726  8.714   1.00 0.89 ? 9  6HG A N7     1 
HETATM 292 C C5     . 6HG A 1 9  ? -1.899  -5.975  8.400   1.00 0.81 ? 9  6HG A C5     1 
HETATM 293 C C6     . 6HG A 1 9  ? -0.652  -6.304  7.811   1.00 0.83 ? 9  6HG A C6     1 
HETATM 294 O O6     . 6HG A 1 9  ? 0.246   -5.549  7.449   1.00 0.94 ? 9  6HG A O6     1 
HETATM 295 N N1     . 6HG A 1 9  ? -0.503  -7.673  7.671   1.00 0.77 ? 9  6HG A N1     1 
HETATM 296 C C2     . 6HG A 1 9  ? -1.436  -8.616  8.051   1.00 0.71 ? 9  6HG A C2     1 
HETATM 297 N N2     . 6HG A 1 9  ? -1.109  -9.884  7.853   1.00 0.70 ? 9  6HG A N2     1 
HETATM 298 N N3     . 6HG A 1 9  ? -2.609  -8.319  8.604   1.00 0.71 ? 9  6HG A N3     1 
HETATM 299 C C4     . 6HG A 1 9  ? -2.778  -6.990  8.750   1.00 0.76 ? 9  6HG A C4     1 
HETATM 300 H "H5'"  . 6HG A 1 9  ? -6.657  -2.921  11.719  1.00 1.07 ? 9  6HG A "H5'"  1 
HETATM 301 H "H5''" . 6HG A 1 9  ? -5.794  -3.489  13.174  1.00 0.90 ? 9  6HG A "H5''" 1 
HETATM 302 H "H4'"  . 6HG A 1 9  ? -6.976  -5.320  12.061  1.00 0.98 ? 9  6HG A "H4'"  1 
HETATM 303 H "H3'"  . 6HG A 1 9  ? -3.961  -5.336  11.700  1.00 0.74 ? 9  6HG A "H3'"  1 
HETATM 304 H "H2'"  . 6HG A 1 9  ? -4.080  -7.765  11.584  1.00 0.70 ? 9  6HG A "H2'"  1 
HETATM 305 H "H2''" . 6HG A 1 9  ? -5.840  -7.722  11.720  1.00 0.86 ? 9  6HG A "H2''" 1 
HETATM 306 H "H1'"  . 6HG A 1 9  ? -5.187  -8.026  9.378   1.00 0.88 ? 9  6HG A "H1'"  1 
HETATM 307 H "H6'1" . 6HG A 1 9  ? -7.207  -6.739  9.903   1.00 1.09 ? 9  6HG A "H6'1" 1 
HETATM 308 H "H6'2" . 6HG A 1 9  ? -6.428  -6.088  8.459   1.00 1.12 ? 9  6HG A "H6'2" 1 
HETATM 309 H H8     . 6HG A 1 9  ? -4.272  -4.297  9.586   1.00 0.95 ? 9  6HG A H8     1 
HETATM 310 H H1     . 6HG A 1 9  ? 0.365   -7.982  7.256   1.00 0.82 ? 9  6HG A H1     1 
HETATM 311 H H21    . 6HG A 1 9  ? -0.216  -10.119 7.432   1.00 0.74 ? 9  6HG A H21    1 
HETATM 312 H H22    . 6HG A 1 9  ? -1.750  -10.616 8.119   1.00 0.69 ? 9  6HG A H22    1 
HETATM 313 P P      . 6HC A 1 10 ? -3.475  -5.941  14.248  1.00 0.66 ? 10 6HC A P      1 
HETATM 314 O OP1    . 6HC A 1 10 ? -3.777  -5.896  15.695  1.00 0.78 ? 10 6HC A OP1    1 
HETATM 315 O OP2    . 6HC A 1 10 ? -2.610  -4.906  13.638  1.00 0.70 ? 10 6HC A OP2    1 
HETATM 316 O "O5'"  . 6HC A 1 10 ? -2.842  -7.380  13.908  1.00 0.57 ? 10 6HC A "O5'"  1 
HETATM 317 C "C5'"  . 6HC A 1 10 ? -3.597  -8.588  14.094  1.00 0.67 ? 10 6HC A "C5'"  1 
HETATM 318 C "C4'"  . 6HC A 1 10 ? -3.095  -9.707  13.197  1.00 0.62 ? 10 6HC A "C4'"  1 
HETATM 319 O "O4'"  . 6HC A 1 10 ? -3.194  -9.295  11.821  1.00 0.60 ? 10 6HC A "O4'"  1 
HETATM 320 C "C3'"  . 6HC A 1 10 ? -1.649  -10.049 13.557  1.00 0.57 ? 10 6HC A "C3'"  1 
HETATM 321 O "O3'"  . 6HC A 1 10 ? -1.577  -10.573 14.883  1.00 0.75 ? 10 6HC A "O3'"  1 
HETATM 322 C "C2'"  . 6HC A 1 10 ? -1.085  -11.066 12.565  1.00 0.60 ? 10 6HC A "C2'"  1 
HETATM 323 C "C1'"  . 6HC A 1 10 ? -1.197  -10.547 11.137  1.00 0.50 ? 10 6HC A "C1'"  1 
HETATM 324 C "C6'"  . 6HC A 1 10 ? -2.665  -10.215 10.851  1.00 0.57 ? 10 6HC A "C6'"  1 
HETATM 325 N N1     . 6HC A 1 10 ? -0.322  -9.362  10.942  1.00 0.50 ? 10 6HC A N1     1 
HETATM 326 C C2     . 6HC A 1 10 ? 0.907   -9.578  10.343  1.00 0.63 ? 10 6HC A C2     1 
HETATM 327 O O2     . 6HC A 1 10 ? 1.238   -10.713 10.014  1.00 0.70 ? 10 6HC A O2     1 
HETATM 328 N N3     . 6HC A 1 10 ? 1.727   -8.513  10.134  1.00 0.79 ? 10 6HC A N3     1 
HETATM 329 C C4     . 6HC A 1 10 ? 1.356   -7.281  10.501  1.00 0.82 ? 10 6HC A C4     1 
HETATM 330 N N4     . 6HC A 1 10 ? 2.186   -6.262  10.289  1.00 1.05 ? 10 6HC A N4     1 
HETATM 331 C C5     . 6HC A 1 10 ? 0.087   -7.046  11.119  1.00 0.69 ? 10 6HC A C5     1 
HETATM 332 C C6     . 6HC A 1 10 ? -0.715  -8.108  11.322  1.00 0.54 ? 10 6HC A C6     1 
HETATM 333 H "H5'"  . 6HC A 1 10 ? -4.631  -8.415  13.832  1.00 0.83 ? 10 6HC A "H5'"  1 
HETATM 334 H "H5''" . 6HC A 1 10 ? -3.525  -8.888  15.150  1.00 0.77 ? 10 6HC A "H5''" 1 
HETATM 335 H "H4'"  . 6HC A 1 10 ? -3.714  -10.590 13.352  1.00 0.76 ? 10 6HC A "H4'"  1 
HETATM 336 H "H3'"  . 6HC A 1 10 ? -1.053  -9.133  13.506  1.00 0.52 ? 10 6HC A "H3'"  1 
HETATM 337 H "H2'"  . 6HC A 1 10 ? -0.041  -11.266 12.798  1.00 0.69 ? 10 6HC A "H2'"  1 
HETATM 338 H "H2''" . 6HC A 1 10 ? -1.642  -11.995 12.653  1.00 0.74 ? 10 6HC A "H2''" 1 
HETATM 339 H "H1'"  . 6HC A 1 10 ? -0.879  -11.335 10.452  1.00 0.56 ? 10 6HC A "H1'"  1 
HETATM 340 H "H6'1" . 6HC A 1 10 ? -3.248  -11.132 10.871  1.00 0.68 ? 10 6HC A "H6'1" 1 
HETATM 341 H "H6'2" . 6HC A 1 10 ? -2.748  -9.777  9.861   1.00 0.63 ? 10 6HC A "H6'2" 1 
HETATM 342 H H41    . 6HC A 1 10 ? 1.922   -5.328  10.565  1.00 1.12 ? 10 6HC A H41    1 
HETATM 343 H H42    . 6HC A 1 10 ? 3.088   -6.426  9.858   1.00 1.19 ? 10 6HC A H42    1 
HETATM 344 H H5     . 6HC A 1 10 ? -0.219  -6.042  11.416  1.00 0.80 ? 10 6HC A H5     1 
HETATM 345 H H6     . 6HC A 1 10 ? -1.686  -7.966  11.795  1.00 0.56 ? 10 6HC A H6     1 
HETATM 346 P P      . 6HG A 1 11 ? -0.293  -10.270 15.799  1.00 0.91 ? 11 6HG A P      1 
HETATM 347 O OP1    . 6HG A 1 11 ? -0.577  -10.747 17.167  1.00 1.14 ? 11 6HG A OP1    1 
HETATM 348 O OP2    . 6HG A 1 11 ? 0.111   -8.865  15.571  1.00 0.89 ? 11 6HG A OP2    1 
HETATM 349 O "O5'"  . 6HG A 1 11 ? 0.833   -11.226 15.150  1.00 0.97 ? 11 6HG A "O5'"  1 
HETATM 350 C "C5'"  . 6HG A 1 11 ? 0.654   -12.651 15.099  1.00 1.05 ? 11 6HG A "C5'"  1 
HETATM 351 C "C4'"  . 6HG A 1 11 ? 1.696   -13.334 14.222  1.00 1.11 ? 11 6HG A "C4'"  1 
HETATM 352 O "O4'"  . 6HG A 1 11 ? 1.591   -12.851 12.869  1.00 1.02 ? 11 6HG A "O4'"  1 
HETATM 353 C "C3'"  . 6HG A 1 11 ? 3.103   -13.080 14.773  1.00 1.21 ? 11 6HG A "C3'"  1 
HETATM 354 O "O3'"  . 6HG A 1 11 ? 3.246   -13.659 16.072  1.00 1.43 ? 11 6HG A "O3'"  1 
HETATM 355 C "C2'"  . 6HG A 1 11 ? 4.154   -13.661 13.827  1.00 1.29 ? 11 6HG A "C2'"  1 
HETATM 356 C "C1'"  . 6HG A 1 11 ? 3.982   -13.109 12.415  1.00 1.11 ? 11 6HG A "C1'"  1 
HETATM 357 C "C6'"  . 6HG A 1 11 ? 2.553   -13.395 11.949  1.00 1.08 ? 11 6HG A "C6'"  1 
HETATM 358 N N9     . 6HG A 1 11 ? 4.254   -11.655 12.393  1.00 1.00 ? 11 6HG A N9     1 
HETATM 359 C C8     . 6HG A 1 11 ? 3.476   -10.627 12.809  1.00 0.95 ? 11 6HG A C8     1 
HETATM 360 N N7     . 6HG A 1 11 ? 3.944   -9.432  12.689  1.00 1.02 ? 11 6HG A N7     1 
HETATM 361 C C5     . 6HG A 1 11 ? 5.199   -9.676  12.121  1.00 1.07 ? 11 6HG A C5     1 
HETATM 362 C C6     . 6HG A 1 11 ? 6.215   -8.760  11.743  1.00 1.24 ? 11 6HG A C6     1 
HETATM 363 O O6     . 6HG A 1 11 ? 6.206   -7.536  11.827  1.00 1.39 ? 11 6HG A O6     1 
HETATM 364 N N1     . 6HG A 1 11 ? 7.316   -9.412  11.214  1.00 1.31 ? 11 6HG A N1     1 
HETATM 365 C C2     . 6HG A 1 11 ? 7.435   -10.777 11.063  1.00 1.27 ? 11 6HG A C2     1 
HETATM 366 N N2     . 6HG A 1 11 ? 8.571   -11.214 10.530  1.00 1.43 ? 11 6HG A N2     1 
HETATM 367 N N3     . 6HG A 1 11 ? 6.486   -11.650 11.415  1.00 1.17 ? 11 6HG A N3     1 
HETATM 368 C C4     . 6HG A 1 11 ? 5.398   -11.036 11.937  1.00 1.05 ? 11 6HG A C4     1 
HETATM 369 H "H5'"  . 6HG A 1 11 ? -0.314  -12.875 14.670  1.00 1.08 ? 11 6HG A "H5'"  1 
HETATM 370 H "H5''" . 6HG A 1 11 ? 0.704   -13.045 16.125  1.00 1.14 ? 11 6HG A "H5''" 1 
HETATM 371 H "H4'"  . 6HG A 1 11 ? 1.507   -14.409 14.229  1.00 1.26 ? 11 6HG A "H4'"  1 
HETATM 372 H "H3'"  . 6HG A 1 11 ? 3.257   -12.002 14.846  1.00 1.13 ? 11 6HG A "H3'"  1 
HETATM 373 H "H2'"  . 6HG A 1 11 ? 5.148   -13.412 14.195  1.00 1.41 ? 11 6HG A "H2'"  1 
HETATM 374 H "H2''" . 6HG A 1 11 ? 4.054   -14.745 13.803  1.00 1.44 ? 11 6HG A "H2''" 1 
HETATM 375 H "H1'"  . 6HG A 1 11 ? 4.682   -13.611 11.746  1.00 1.20 ? 11 6HG A "H1'"  1 
HETATM 376 H "H6'1" . 6HG A 1 11 ? 2.409   -14.470 11.872  1.00 1.25 ? 11 6HG A "H6'1" 1 
HETATM 377 H "H6'2" . 6HG A 1 11 ? 2.399   -12.955 10.967  1.00 1.05 ? 11 6HG A "H6'2" 1 
HETATM 378 H H8     . 6HG A 1 11 ? 2.488   -10.803 13.234  1.00 0.95 ? 11 6HG A H8     1 
HETATM 379 H H1     . 6HG A 1 11 ? 8.085   -8.820  10.926  1.00 1.46 ? 11 6HG A H1     1 
HETATM 380 H H21    . 6HG A 1 11 ? 9.294   -10.555 10.264  1.00 1.54 ? 11 6HG A H21    1 
HETATM 381 H H22    . 6HG A 1 11 ? 8.712   -12.203 10.388  1.00 1.48 ? 11 6HG A H22    1 
HETATM 382 P P      . 6HC A 1 12 ? 3.990   -12.846 17.249  1.00 1.58 ? 12 6HC A P      1 
HETATM 383 O OP1    . 6HC A 1 12 ? 3.756   -13.559 18.525  1.00 1.86 ? 12 6HC A OP1    1 
HETATM 384 O OP2    . 6HC A 1 12 ? 3.634   -11.417 17.120  1.00 1.43 ? 12 6HC A OP2    1 
HETATM 385 O "O5'"  . 6HC A 1 12 ? 5.548   -13.005 16.864  1.00 1.73 ? 12 6HC A "O5'"  1 
HETATM 386 C "C5'"  . 6HC A 1 12 ? 6.131   -14.297 16.628  1.00 1.97 ? 12 6HC A "C5'"  1 
HETATM 387 C "C4'"  . 6HC A 1 12 ? 7.346   -14.203 15.724  1.00 2.04 ? 12 6HC A "C4'"  1 
HETATM 388 O "O4'"  . 6HC A 1 12 ? 6.957   -13.630 14.468  1.00 1.78 ? 12 6HC A "O4'"  1 
HETATM 389 C "C3'"  . 6HC A 1 12 ? 8.435   -13.359 16.395  1.00 2.22 ? 12 6HC A "C3'"  1 
HETATM 390 O "O3'"  . 6HC A 1 12 ? 8.922   -14.031 17.557  1.00 2.52 ? 12 6HC A "O3'"  1 
HETATM 391 C "C2'"  . 6HC A 1 12 ? 9.593   -13.086 15.432  1.00 2.33 ? 12 6HC A "C2'"  1 
HETATM 392 C "C1'"  . 6HC A 1 12 ? 9.107   -12.524 14.092  1.00 2.06 ? 12 6HC A "C1'"  1 
HETATM 393 C "C6'"  . 6HC A 1 12 ? 8.020   -13.440 13.526  1.00 1.87 ? 12 6HC A "C6'"  1 
HETATM 394 N N1     . 6HC A 1 12 ? 8.615   -11.131 14.241  1.00 1.93 ? 12 6HC A N1     1 
HETATM 395 C C2     . 6HC A 1 12 ? 9.387   -10.122 13.681  1.00 2.08 ? 12 6HC A C2     1 
HETATM 396 O O2     . 6HC A 1 12 ? 10.434  -10.393 13.101  1.00 2.28 ? 12 6HC A O2     1 
HETATM 397 N N3     . 6HC A 1 12 ? 8.954   -8.838  13.789  1.00 2.06 ? 12 6HC A N3     1 
HETATM 398 C C4     . 6HC A 1 12 ? 7.810   -8.547  14.418  1.00 1.90 ? 12 6HC A C4     1 
HETATM 399 N N4     . 6HC A 1 12 ? 7.431   -7.277  14.511  1.00 1.99 ? 12 6HC A N4     1 
HETATM 400 C C5     . 6HC A 1 12 ? 7.004   -9.578  14.997  1.00 1.72 ? 12 6HC A C5     1 
HETATM 401 C C6     . 6HC A 1 12 ? 7.440   -10.850 14.887  1.00 1.75 ? 12 6HC A C6     1 
HETATM 402 H "H5'"  . 6HC A 1 12 ? 5.413   -14.933 16.127  1.00 1.94 ? 12 6HC A "H5'"  1 
HETATM 403 H "H5''" . 6HC A 1 12 ? 6.409   -14.741 17.596  1.00 2.21 ? 12 6HC A "H5''" 1 
HETATM 404 H "H4'"  . 6HC A 1 12 ? 7.736   -15.207 15.552  1.00 2.22 ? 12 6HC A "H4'"  1 
HETATM 405 H "H3'"  . 6HC A 1 12 ? 8.002   -12.407 16.700  1.00 2.09 ? 12 6HC A "H3'"  1 
HETATM 406 H "HO3'" . 6HC A 1 12 ? 8.223   -13.999 18.216  1.00 2.63 ? 12 6HC A "HO3'" 1 
HETATM 407 H "H2'"  . 6HC A 1 12 ? 10.276  -12.375 15.890  1.00 2.50 ? 12 6HC A "H2'"  1 
HETATM 408 H "H2''" . 6HC A 1 12 ? 10.132  -14.013 15.255  1.00 2.51 ? 12 6HC A "H2''" 1 
HETATM 409 H "H1'"  . 6HC A 1 12 ? 9.948   -12.520 13.397  1.00 2.19 ? 12 6HC A "H1'"  1 
HETATM 410 H "H6'1" . 6HC A 1 12 ? 8.456   -14.404 13.278  1.00 2.03 ? 12 6HC A "H6'1" 1 
HETATM 411 H "H6'2" . 6HC A 1 12 ? 7.618   -13.000 12.617  1.00 1.70 ? 12 6HC A "H6'2" 1 
HETATM 412 H H41    . 6HC A 1 12 ? 6.574   -7.039  14.988  1.00 1.91 ? 12 6HC A H41    1 
HETATM 413 H H42    . 6HC A 1 12 ? 8.002   -6.548  14.104  1.00 2.17 ? 12 6HC A H42    1 
HETATM 414 H H5     . 6HC A 1 12 ? 6.070   -9.346  15.508  1.00 1.63 ? 12 6HC A H5     1 
HETATM 415 H H6     . 6HC A 1 12 ? 6.849   -11.660 15.313  1.00 1.70 ? 12 6HC A H6     1 
HETATM 416 O "O5'"  . 6HG B 1 1  ? 13.036  0.219   11.107  1.00 4.40 ? 13 6HG B "O5'"  1 
HETATM 417 C "C5'"  . 6HG B 1 1  ? 14.442  0.173   10.817  1.00 4.50 ? 13 6HG B "C5'"  1 
HETATM 418 C "C4'"  . 6HG B 1 1  ? 15.027  -1.224  10.975  1.00 4.26 ? 13 6HG B "C4'"  1 
HETATM 419 O "O4'"  . 6HG B 1 1  ? 15.047  -1.602  12.362  1.00 4.34 ? 13 6HG B "O4'"  1 
HETATM 420 C "C3'"  . 6HG B 1 1  ? 14.209  -2.234  10.165  1.00 3.80 ? 13 6HG B "C3'"  1 
HETATM 421 O "O3'"  . 6HG B 1 1  ? 14.252  -1.917  8.772   1.00 3.78 ? 13 6HG B "O3'"  1 
HETATM 422 C "C2'"  . 6HG B 1 1  ? 14.729  -3.650  10.402  1.00 3.62 ? 13 6HG B "C2'"  1 
HETATM 423 C "C1'"  . 6HG B 1 1  ? 14.744  -3.985  11.892  1.00 3.74 ? 13 6HG B "C1'"  1 
HETATM 424 C "C6'"  . 6HG B 1 1  ? 15.565  -2.917  12.622  1.00 4.21 ? 13 6HG B "C6'"  1 
HETATM 425 N N9     . 6HG B 1 1  ? 13.361  -4.034  12.414  1.00 3.49 ? 13 6HG B N9     1 
HETATM 426 C C8     . 6HG B 1 1  ? 12.524  -3.015  12.732  1.00 3.57 ? 13 6HG B C8     1 
HETATM 427 N N7     . 6HG B 1 1  ? 11.333  -3.315  13.128  1.00 3.34 ? 13 6HG B N7     1 
HETATM 428 C C5     . 6HG B 1 1  ? 11.357  -4.712  13.075  1.00 3.04 ? 13 6HG B C5     1 
HETATM 429 C C6     . 6HG B 1 1  ? 10.339  -5.654  13.388  1.00 2.71 ? 13 6HG B C6     1 
HETATM 430 O O6     . 6HG B 1 1  ? 9.193   -5.440  13.773  1.00 2.61 ? 13 6HG B O6     1 
HETATM 431 N N1     . 6HG B 1 1  ? 10.774  -6.955  13.200  1.00 2.57 ? 13 6HG B N1     1 
HETATM 432 C C2     . 6HG B 1 1  ? 12.031  -7.317  12.764  1.00 2.74 ? 13 6HG B C2     1 
HETATM 433 N N2     . 6HG B 1 1  ? 12.264  -8.618  12.660  1.00 2.68 ? 13 6HG B N2     1 
HETATM 434 N N3     . 6HG B 1 1  ? 12.996  -6.442  12.465  1.00 3.03 ? 13 6HG B N3     1 
HETATM 435 C C4     . 6HG B 1 1  ? 12.597  -5.162  12.641  1.00 3.16 ? 13 6HG B C4     1 
HETATM 436 H "H5'"  . 6HG B 1 1  ? 14.974  0.818   11.506  1.00 4.82 ? 13 6HG B "H5'"  1 
HETATM 437 H "H5''" . 6HG B 1 1  ? 14.590  0.531   9.789   1.00 4.48 ? 13 6HG B "H5''" 1 
HETATM 438 H "H4'"  . 6HG B 1 1  ? 16.051  -1.218  10.594  1.00 4.42 ? 13 6HG B "H4'"  1 
HETATM 439 H "H3'"  . 6HG B 1 1  ? 13.174  -2.186  10.503  1.00 3.65 ? 13 6HG B "H3'"  1 
HETATM 440 H "H2'"  . 6HG B 1 1  ? 14.088  -4.358  9.879   1.00 3.30 ? 13 6HG B "H2'"  1 
HETATM 441 H "H2''" . 6HG B 1 1  ? 15.738  -3.733  10.001  1.00 3.78 ? 13 6HG B "H2''" 1 
HETATM 442 H "H1'"  . 6HG B 1 1  ? 15.215  -4.957  12.034  1.00 3.72 ? 13 6HG B "H1'"  1 
HETATM 443 H "H6'1" . 6HG B 1 1  ? 16.601  -2.970  12.290  1.00 4.42 ? 13 6HG B "H6'1" 1 
HETATM 444 H "H6'2" . 6HG B 1 1  ? 15.538  -3.110  13.693  1.00 4.31 ? 13 6HG B "H6'2" 1 
HETATM 445 H H8     . 6HG B 1 1  ? 12.849  -1.978  12.661  1.00 3.85 ? 13 6HG B H8     1 
HETATM 446 H H1     . 6HG B 1 1  ? 10.097  -7.681  13.399  1.00 2.38 ? 13 6HG B H1     1 
HETATM 447 H H21    . 6HG B 1 1  ? 11.534  -9.284  12.884  1.00 2.51 ? 13 6HG B H21    1 
HETATM 448 H H22    . 6HG B 1 1  ? 13.170  -8.945  12.363  1.00 2.85 ? 13 6HG B H22    1 
HETATM 449 H "HO5'" . 6HG B 1 1  ? 12.567  -0.023  10.303  1.00 4.65 ? 13 6HG B "HO5'" 1 
HETATM 450 P P      . 6HC B 1 2  ? 13.021  -2.322  7.816   1.00 3.42 ? 14 6HC B P      1 
HETATM 451 O OP1    . 6HC B 1 2  ? 13.352  -1.917  6.431   1.00 3.53 ? 14 6HC B OP1    1 
HETATM 452 O OP2    . 6HC B 1 2  ? 11.773  -1.840  8.451   1.00 3.46 ? 14 6HC B OP2    1 
HETATM 453 O "O5'"  . 6HC B 1 2  ? 13.034  -3.928  7.890   1.00 2.99 ? 14 6HC B "O5'"  1 
HETATM 454 C "C5'"  . 6HC B 1 2  ? 14.128  -4.681  7.346   1.00 3.01 ? 14 6HC B "C5'"  1 
HETATM 455 C "C4'"  . 6HC B 1 2  ? 14.049  -6.147  7.731   1.00 2.76 ? 14 6HC B "C4'"  1 
HETATM 456 O "O4'"  . 6HC B 1 2  ? 13.976  -6.259  9.163   1.00 2.82 ? 14 6HC B "O4'"  1 
HETATM 457 C "C3'"  . 6HC B 1 2  ? 12.828  -6.790  7.067   1.00 2.38 ? 14 6HC B "C3'"  1 
HETATM 458 O "O3'"  . 6HC B 1 2  ? 13.001  -6.822  5.650   1.00 2.36 ? 14 6HC B "O3'"  1 
HETATM 459 C "C2'"  . 6HC B 1 2  ? 12.607  -8.210  7.591   1.00 2.18 ? 14 6HC B "C2'"  1 
HETATM 460 C "C1'"  . 6HC B 1 2  ? 12.560  -8.247  9.116   1.00 2.27 ? 14 6HC B "C1'"  1 
HETATM 461 C "C6'"  . 6HC B 1 2  ? 13.825  -7.591  9.668   1.00 2.66 ? 14 6HC B "C6'"  1 
HETATM 462 N N1     . 6HC B 1 2  ? 11.336  -7.572  9.619   1.00 2.13 ? 14 6HC B N1     1 
HETATM 463 C C2     . 6HC B 1 2  ? 10.302  -8.381  10.063  1.00 1.85 ? 14 6HC B C2     1 
HETATM 464 O O2     . 6HC B 1 2  ? 10.411  -9.603  10.016  1.00 1.76 ? 14 6HC B O2     1 
HETATM 465 N N3     . 6HC B 1 2  ? 9.177   -7.791  10.543  1.00 1.76 ? 14 6HC B N3     1 
HETATM 466 C C4     . 6HC B 1 2  ? 9.064   -6.460  10.588  1.00 1.98 ? 14 6HC B C4     1 
HETATM 467 N N4     . 6HC B 1 2  ? 7.941   -5.921  11.060  1.00 1.98 ? 14 6HC B N4     1 
HETATM 468 C C5     . 6HC B 1 2  ? 10.125  -5.616  10.132  1.00 2.30 ? 14 6HC B C5     1 
HETATM 469 C C6     . 6HC B 1 2  ? 11.237  -6.209  9.658   1.00 2.35 ? 14 6HC B C6     1 
HETATM 470 H "H5'"  . 6HC B 1 2  ? 15.059  -4.302  7.744   1.00 3.30 ? 14 6HC B "H5'"  1 
HETATM 471 H "H5''" . 6HC B 1 2  ? 14.118  -4.575  6.251   1.00 3.00 ? 14 6HC B "H5''" 1 
HETATM 472 H "H4'"  . 6HC B 1 2  ? 14.949  -6.654  7.379   1.00 2.87 ? 14 6HC B "H4'"  1 
HETATM 473 H "H3'"  . 6HC B 1 2  ? 11.947  -6.189  7.301   1.00 2.33 ? 14 6HC B "H3'"  1 
HETATM 474 H "H2'"  . 6HC B 1 2  ? 11.670  -8.594  7.193   1.00 1.94 ? 14 6HC B "H2'"  1 
HETATM 475 H "H2''" . 6HC B 1 2  ? 13.417  -8.847  7.241   1.00 2.28 ? 14 6HC B "H2''" 1 
HETATM 476 H "H1'"  . 6HC B 1 2  ? 12.541  -9.290  9.439   1.00 2.22 ? 14 6HC B "H1'"  1 
HETATM 477 H "H6'1" . 6HC B 1 2  ? 14.694  -8.186  9.379   1.00 2.78 ? 14 6HC B "H6'1" 1 
HETATM 478 H "H6'2" . 6HC B 1 2  ? 13.771  -7.559  10.757  1.00 2.77 ? 14 6HC B "H6'2" 1 
HETATM 479 H H41    . 6HC B 1 2  ? 7.188   -6.522  11.383  1.00 1.80 ? 14 6HC B H41    1 
HETATM 480 H H42    . 6HC B 1 2  ? 7.836   -4.919  11.096  1.00 2.21 ? 14 6HC B H42    1 
HETATM 481 H H5     . 6HC B 1 2  ? 10.038  -4.529  10.171  1.00 2.52 ? 14 6HC B H5     1 
HETATM 482 H H6     . 6HC B 1 2  ? 12.064  -5.595  9.302   1.00 2.60 ? 14 6HC B H6     1 
HETATM 483 P P      . 6HG B 1 3  ? 11.763  -6.520  4.670   1.00 2.27 ? 15 6HG B P      1 
HETATM 484 O OP1    . 6HG B 1 3  ? 12.253  -6.595  3.277   1.00 2.40 ? 15 6HG B OP1    1 
HETATM 485 O OP2    . 6HG B 1 3  ? 11.086  -5.298  5.151   1.00 2.41 ? 15 6HG B OP2    1 
HETATM 486 O "O5'"  . 6HG B 1 3  ? 10.786  -7.777  4.932   1.00 1.96 ? 15 6HG B "O5'"  1 
HETATM 487 C "C5'"  . 6HG B 1 3  ? 11.124  -9.079  4.432   1.00 1.88 ? 15 6HG B "C5'"  1 
HETATM 488 C "C4'"  . 6HG B 1 3  ? 10.250  -10.179 5.019   1.00 1.64 ? 15 6HG B "C4'"  1 
HETATM 489 O "O4'"  . 6HG B 1 3  ? 10.328  -10.163 6.453   1.00 1.67 ? 15 6HG B "O4'"  1 
HETATM 490 C "C3'"  . 6HG B 1 3  ? 8.800   -10.011 4.573   1.00 1.44 ? 15 6HG B "C3'"  1 
HETATM 491 O "O3'"  . 6HG B 1 3  ? 8.706   -10.097 3.148   1.00 1.46 ? 15 6HG B "O3'"  1 
HETATM 492 C "C2'"  . 6HG B 1 3  ? 7.931   -11.090 5.217   1.00 1.22 ? 15 6HG B "C2'"  1 
HETATM 493 C "C1'"  . 6HG B 1 3  ? 8.078   -11.092 6.742   1.00 1.26 ? 15 6HG B "C1'"  1 
HETATM 494 C "C6'"  . 6HG B 1 3  ? 9.563   -11.188 7.106   1.00 1.50 ? 15 6HG B "C6'"  1 
HETATM 495 N N9     . 6HG B 1 3  ? 7.469   -9.877  7.318   1.00 1.26 ? 15 6HG B N9     1 
HETATM 496 C C8     . 6HG B 1 3  ? 7.933   -8.603  7.354   1.00 1.43 ? 15 6HG B C8     1 
HETATM 497 N N7     . 6HG B 1 3  ? 7.180   -7.706  7.897   1.00 1.43 ? 15 6HG B N7     1 
HETATM 498 C C5     . 6HG B 1 3  ? 6.068   -8.463  8.280   1.00 1.22 ? 15 6HG B C5     1 
HETATM 499 C C6     . 6HG B 1 3  ? 4.872   -8.062  8.937   1.00 1.13 ? 15 6HG B C6     1 
HETATM 500 O O6     . 6HG B 1 3  ? 4.545   -6.940  9.311   1.00 1.22 ? 15 6HG B O6     1 
HETATM 501 N N1     . 6HG B 1 3  ? 4.015   -9.136  9.133   1.00 0.95 ? 15 6HG B N1     1 
HETATM 502 C C2     . 6HG B 1 3  ? 4.272   -10.435 8.751   1.00 0.89 ? 15 6HG B C2     1 
HETATM 503 N N2     . 6HG B 1 3  ? 3.336   -11.330 9.035   1.00 0.80 ? 15 6HG B N2     1 
HETATM 504 N N3     . 6HG B 1 3  ? 5.389   -10.822 8.135   1.00 0.97 ? 15 6HG B N3     1 
HETATM 505 C C4     . 6HG B 1 3  ? 6.240   -9.793  7.930   1.00 1.12 ? 15 6HG B C4     1 
HETATM 506 H "H5'"  . 6HG B 1 3  ? 12.144  -9.313  4.703   1.00 2.02 ? 15 6HG B "H5'"  1 
HETATM 507 H "H5''" . 6HG B 1 3  ? 11.026  -9.068  3.336   1.00 1.91 ? 15 6HG B "H5''" 1 
HETATM 508 H "H4'"  . 6HG B 1 3  ? 10.614  -11.141 4.659   1.00 1.63 ? 15 6HG B "H4'"  1 
HETATM 509 H "H3'"  . 6HG B 1 3  ? 8.445   -9.031  4.896   1.00 1.51 ? 15 6HG B "H3'"  1 
HETATM 510 H "H2'"  . 6HG B 1 3  ? 6.887   -10.915 4.958   1.00 1.12 ? 15 6HG B "H2'"  1 
HETATM 511 H "H2''" . 6HG B 1 3  ? 8.224   -12.062 4.829   1.00 1.20 ? 15 6HG B "H2''" 1 
HETATM 512 H "H1'"  . 6HG B 1 3  ? 7.563   -11.966 7.143   1.00 1.16 ? 15 6HG B "H1'"  1 
HETATM 513 H "H6'1" . 6HG B 1 3  ? 9.945   -12.163 6.812   1.00 1.52 ? 15 6HG B "H6'1" 1 
HETATM 514 H "H6'2" . 6HG B 1 3  ? 9.677   -11.088 8.183   1.00 1.58 ? 15 6HG B "H6'2" 1 
HETATM 515 H H8     . 6HG B 1 3  ? 8.908   -8.345  6.940   1.00 1.59 ? 15 6HG B H8     1 
HETATM 516 H H1     . 6HG B 1 3  ? 3.139   -8.925  9.593   1.00 0.89 ? 15 6HG B H1     1 
HETATM 517 H H21    . 6HG B 1 3  ? 2.481   -11.042 9.504   1.00 0.77 ? 15 6HG B H21    1 
HETATM 518 H H22    . 6HG B 1 3  ? 3.475   -12.298 8.788   1.00 0.82 ? 15 6HG B H22    1 
HETATM 519 P P      . 6HC B 1 4  ? 7.687   -9.154  2.332   1.00 1.47 ? 16 6HC B P      1 
HETATM 520 O OP1    . 6HC B 1 4  ? 7.994   -9.278  0.890   1.00 1.56 ? 16 6HC B OP1    1 
HETATM 521 O OP2    . 6HC B 1 4  ? 7.672   -7.821  2.975   1.00 1.66 ? 16 6HC B OP2    1 
HETATM 522 O "O5'"  . 6HC B 1 4  ? 6.262   -9.851  2.603   1.00 1.23 ? 16 6HC B "O5'"  1 
HETATM 523 C "C5'"  . 6HC B 1 4  ? 6.060   -11.249 2.343   1.00 1.08 ? 16 6HC B "C5'"  1 
HETATM 524 C "C4'"  . 6HC B 1 4  ? 4.950   -11.823 3.203   1.00 0.93 ? 16 6HC B "C4'"  1 
HETATM 525 O "O4'"  . 6HC B 1 4  ? 5.268   -11.630 4.588   1.00 0.92 ? 16 6HC B "O4'"  1 
HETATM 526 C "C3'"  . 6HC B 1 4  ? 3.620   -11.151 2.865   1.00 0.92 ? 16 6HC B "C3'"  1 
HETATM 527 O "O3'"  . 6HC B 1 4  ? 3.258   -11.426 1.508   1.00 0.97 ? 16 6HC B "O3'"  1 
HETATM 528 C "C2'"  . 6HC B 1 4  ? 2.525   -11.654 3.802   1.00 0.81 ? 16 6HC B "C2'"  1 
HETATM 529 C "C1'"  . 6HC B 1 4  ? 2.918   -11.494 5.273   1.00 0.78 ? 16 6HC B "C1'"  1 
HETATM 530 C "C6'"  . 6HC B 1 4  ? 4.291   -12.128 5.512   1.00 0.82 ? 16 6HC B "C6'"  1 
HETATM 531 N N1     . 6HC B 1 4  ? 2.904   -10.065 5.667   1.00 0.84 ? 16 6HC B N1     1 
HETATM 532 C C2     . 6HC B 1 4  ? 1.785   -9.618  6.345   1.00 0.84 ? 16 6HC B C2     1 
HETATM 533 O O2     . 6HC B 1 4  ? 0.863   -10.391 6.586   1.00 0.80 ? 16 6HC B O2     1 
HETATM 534 N N3     . 6HC B 1 4  ? 1.738   -8.320  6.741   1.00 0.92 ? 16 6HC B N3     1 
HETATM 535 C C4     . 6HC B 1 4  ? 2.752   -7.486  6.485   1.00 1.01 ? 16 6HC B C4     1 
HETATM 536 N N4     . 6HC B 1 4  ? 2.668   -6.221  6.894   1.00 1.12 ? 16 6HC B N4     1 
HETATM 537 C C5     . 6HC B 1 4  ? 3.915   -7.937  5.785   1.00 1.04 ? 16 6HC B C5     1 
HETATM 538 C C6     . 6HC B 1 4  ? 3.952   -9.228  5.395   1.00 0.95 ? 16 6HC B C6     1 
HETATM 539 H "H5'"  . 6HC B 1 4  ? 6.959   -11.797 2.585   1.00 1.10 ? 16 6HC B "H5'"  1 
HETATM 540 H "H5''" . 6HC B 1 4  ? 5.820   -11.377 1.276   1.00 1.12 ? 16 6HC B "H5''" 1 
HETATM 541 H "H4'"  . 6HC B 1 4  ? 4.867   -12.892 3.003   1.00 0.89 ? 16 6HC B "H4'"  1 
HETATM 542 H "H3'"  . 6HC B 1 4  ? 3.729   -10.074 2.994   1.00 1.00 ? 16 6HC B "H3'"  1 
HETATM 543 H "H2'"  . 6HC B 1 4  ? 1.610   -11.096 3.615   1.00 0.84 ? 16 6HC B "H2'"  1 
HETATM 544 H "H2''" . 6HC B 1 4  ? 2.335   -12.704 3.596   1.00 0.78 ? 16 6HC B "H2''" 1 
HETATM 545 H "H1'"  . 6HC B 1 4  ? 2.186   -12.028 5.883   1.00 0.74 ? 16 6HC B "H1'"  1 
HETATM 546 H "H6'1" . 6HC B 1 4  ? 4.213   -13.207 5.407   1.00 0.80 ? 16 6HC B "H6'1" 1 
HETATM 547 H "H6'2" . 6HC B 1 4  ? 4.615   -11.906 6.527   1.00 0.85 ? 16 6HC B "H6'2" 1 
HETATM 548 H H41    . 6HC B 1 4  ? 3.426   -5.581  6.712   1.00 1.22 ? 16 6HC B H41    1 
HETATM 549 H H42    . 6HC B 1 4  ? 1.838   -5.900  7.379   1.00 1.13 ? 16 6HC B H42    1 
HETATM 550 H H5     . 6HC B 1 4  ? 4.744   -7.262  5.574   1.00 1.15 ? 16 6HC B H5     1 
HETATM 551 H H6     . 6HC B 1 4  ? 4.821   -9.607  4.858   1.00 1.00 ? 16 6HC B H6     1 
HETATM 552 P P      . 6HT B 1 5  ? 2.655   -10.269 0.561   1.00 1.11 ? 17 6HT B P      1 
HETATM 553 O OP1    . 6HT B 1 5  ? 2.437   -10.843 -0.784  1.00 1.25 ? 17 6HT B OP1    1 
HETATM 554 O OP2    . 6HT B 1 5  ? 3.492   -9.059  0.722   1.00 1.23 ? 17 6HT B OP2    1 
HETATM 555 O "O5'"  . 6HT B 1 5  ? 1.217   -9.974  1.228   1.00 1.04 ? 17 6HT B "O5'"  1 
HETATM 556 C "C5'"  . 6HT B 1 5  ? 0.227   -11.011 1.348   1.00 1.00 ? 17 6HT B "C5'"  1 
HETATM 557 C "C4'"  . 6HT B 1 5  ? -0.894  -10.628 2.303   1.00 0.95 ? 17 6HT B "C4'"  1 
HETATM 558 O "O4'"  . 6HT B 1 5  ? -0.353  -10.372 3.611   1.00 0.90 ? 17 6HT B "O4'"  1 
HETATM 559 C "C3'"  . 6HT B 1 5  ? -1.633  -9.396  1.777   1.00 1.00 ? 17 6HT B "C3'"  1 
HETATM 560 O "O3'"  . 6HT B 1 5  ? -2.267  -9.697  0.530   1.00 1.10 ? 17 6HT B "O3'"  1 
HETATM 561 C "C2'"  . 6HT B 1 5  ? -2.674  -8.935  2.794   1.00 0.98 ? 17 6HT B "C2'"  1 
HETATM 562 C "C1'"  . 6HT B 1 5  ? -2.041  -8.676  4.161   1.00 0.90 ? 17 6HT B "C1'"  1 
HETATM 563 C "C6'"  . 6HT B 1 5  ? -1.307  -9.944  4.602   1.00 0.87 ? 17 6HT B "C6'"  1 
HETATM 564 N N1     . 6HT B 1 5  ? -1.112  -7.517  4.108   1.00 0.90 ? 17 6HT B N1     1 
HETATM 565 C C2     . 6HT B 1 5  ? -1.579  -6.288  4.554   1.00 0.90 ? 17 6HT B C2     1 
HETATM 566 O O2     . 6HT B 1 5  ? -2.720  -6.132  4.988   1.00 0.92 ? 17 6HT B O2     1 
HETATM 567 N N3     . 6HT B 1 5  ? -0.681  -5.239  4.494   1.00 0.93 ? 17 6HT B N3     1 
HETATM 568 C C4     . 6HT B 1 5  ? 0.619   -5.305  4.036   1.00 0.96 ? 17 6HT B C4     1 
HETATM 569 O O4     . 6HT B 1 5  ? 1.329   -4.303  4.031   1.00 1.01 ? 17 6HT B O4     1 
HETATM 570 C C5     . 6HT B 1 5  ? 1.021   -6.622  3.592   1.00 0.98 ? 17 6HT B C5     1 
HETATM 571 C C5M    . 6HT B 1 5  ? 2.433   -6.839  3.053   1.00 1.07 ? 17 6HT B C5M    1 
HETATM 572 C C6     . 6HT B 1 5  ? 0.169   -7.661  3.638   1.00 0.94 ? 17 6HT B C6     1 
HETATM 573 H "H5'"  . 6HT B 1 5  ? 0.687   -11.905 1.747   1.00 1.00 ? 17 6HT B "H5'"  1 
HETATM 574 H "H5''" . 6HT B 1 5  ? -0.184  -11.221 0.348   1.00 1.05 ? 17 6HT B "H5''" 1 
HETATM 575 H "H4'"  . 6HT B 1 5  ? -1.599  -11.458 2.366   1.00 0.95 ? 17 6HT B "H4'"  1 
HETATM 576 H "H3'"  . 6HT B 1 5  ? -0.910  -8.593  1.625   1.00 1.03 ? 17 6HT B "H3'"  1 
HETATM 577 H "H2'"  . 6HT B 1 5  ? -3.149  -8.026  2.438   1.00 1.03 ? 17 6HT B "H2'"  1 
HETATM 578 H "H2''" . 6HT B 1 5  ? -3.436  -9.704  2.893   1.00 0.99 ? 17 6HT B "H2''" 1 
HETATM 579 H "H1'"  . 6HT B 1 5  ? -2.834  -8.461  4.880   1.00 0.91 ? 17 6HT B "H1'"  1 
HETATM 580 H "H6'1" . 6HT B 1 5  ? -2.031  -10.740 4.773   1.00 0.90 ? 17 6HT B "H6'1" 1 
HETATM 581 H "H6'2" . 6HT B 1 5  ? -0.786  -9.750  5.534   1.00 0.86 ? 17 6HT B "H6'2" 1 
HETATM 582 H H3     . 6HT B 1 5  ? -1.006  -4.337  4.819   1.00 0.96 ? 17 6HT B H3     1 
HETATM 583 H H71    . 6HT B 1 5  ? 2.843   -7.757  3.472   1.00 1.12 ? 17 6HT B H71    1 
HETATM 584 H H72    . 6HT B 1 5  ? 3.065   -5.996  3.336   1.00 1.21 ? 17 6HT B H72    1 
HETATM 585 H H73    . 6HT B 1 5  ? 2.399   -6.920  1.967   1.00 1.65 ? 17 6HT B H73    1 
HETATM 586 H H6     . 6HT B 1 5  ? 0.505   -8.641  3.295   1.00 0.98 ? 17 6HT B H6     1 
HETATM 587 P P      . 6HT B 1 6  ? -2.348  -8.590  -0.638  1.00 1.21 ? 18 6HT B P      1 
HETATM 588 O OP1    . 6HT B 1 6  ? -2.902  -9.235  -1.848  1.00 1.39 ? 18 6HT B OP1    1 
HETATM 589 O OP2    . 6HT B 1 6  ? -1.045  -7.892  -0.704  1.00 1.27 ? 18 6HT B OP2    1 
HETATM 590 O "O5'"  . 6HT B 1 6  ? -3.445  -7.556  -0.068  1.00 1.12 ? 18 6HT B "O5'"  1 
HETATM 591 C "C5'"  . 6HT B 1 6  ? -4.784  -7.988  0.232   1.00 1.12 ? 18 6HT B "C5'"  1 
HETATM 592 C "C4'"  . 6HT B 1 6  ? -5.463  -7.077  1.241   1.00 1.05 ? 18 6HT B "C4'"  1 
HETATM 593 O "O4'"  . 6HT B 1 6  ? -4.676  -7.033  2.445   1.00 1.01 ? 18 6HT B "O4'"  1 
HETATM 594 C "C3'"  . 6HT B 1 6  ? -5.634  -5.677  0.645   1.00 1.03 ? 18 6HT B "C3'"  1 
HETATM 595 O "O3'"  . 6HT B 1 6  ? -6.546  -5.719  -0.457  1.00 1.11 ? 18 6HT B "O3'"  1 
HETATM 596 C "C2'"  . 6HT B 1 6  ? -6.144  -4.702  1.704   1.00 0.96 ? 18 6HT B "C2'"  1 
HETATM 597 C "C1'"  . 6HT B 1 6  ? -5.245  -4.708  2.936   1.00 0.92 ? 18 6HT B "C1'"  1 
HETATM 598 C "C6'"  . 6HT B 1 6  ? -5.146  -6.137  3.463   1.00 0.95 ? 18 6HT B "C6'"  1 
HETATM 599 N N1     . 6HT B 1 6  ? -3.905  -4.166  2.602   1.00 0.91 ? 18 6HT B N1     1 
HETATM 600 C C2     . 6HT B 1 6  ? -3.649  -2.857  2.950   1.00 0.89 ? 18 6HT B C2     1 
HETATM 601 O O2     . 6HT B 1 6  ? -4.483  -2.157  3.517   1.00 0.89 ? 18 6HT B O2     1 
HETATM 602 N N3     . 6HT B 1 6  ? -2.401  -2.373  2.615   1.00 0.90 ? 18 6HT B N3     1 
HETATM 603 C C4     . 6HT B 1 6  ? -1.399  -3.070  1.973   1.00 0.95 ? 18 6HT B C4     1 
HETATM 604 O O4     . 6HT B 1 6  ? -0.325  -2.529  1.724   1.00 0.98 ? 18 6HT B O4     1 
HETATM 605 C C5     . 6HT B 1 6  ? -1.750  -4.431  1.645   1.00 0.99 ? 18 6HT B C5     1 
HETATM 606 C C5M    . 6HT B 1 6  ? -0.736  -5.318  0.926   1.00 1.09 ? 18 6HT B C5M    1 
HETATM 607 C C6     . 6HT B 1 6  ? -2.961  -4.928  1.959   1.00 0.97 ? 18 6HT B C6     1 
HETATM 608 H "H5'"  . 6HT B 1 6  ? -4.754  -8.977  0.670   1.00 1.16 ? 18 6HT B "H5'"  1 
HETATM 609 H "H5''" . 6HT B 1 6  ? -5.362  -8.015  -0.704  1.00 1.15 ? 18 6HT B "H5''" 1 
HETATM 610 H "H4'"  . 6HT B 1 6  ? -6.448  -7.484  1.474   1.00 1.06 ? 18 6HT B "H4'"  1 
HETATM 611 H "H3'"  . 6HT B 1 6  ? -4.666  -5.329  0.287   1.00 1.03 ? 18 6HT B "H3'"  1 
HETATM 612 H "H2'"  . 6HT B 1 6  ? -6.174  -3.701  1.286   1.00 0.95 ? 18 6HT B "H2'"  1 
HETATM 613 H "H2''" . 6HT B 1 6  ? -7.153  -4.985  1.994   1.00 0.98 ? 18 6HT B "H2''" 1 
HETATM 614 H "H1'"  . 6HT B 1 6  ? -5.697  -4.080  3.706   1.00 0.90 ? 18 6HT B "H1'"  1 
HETATM 615 H "H6'1" . 6HT B 1 6  ? -6.126  -6.463  3.806   1.00 0.97 ? 18 6HT B "H6'1" 1 
HETATM 616 H "H6'2" . 6HT B 1 6  ? -4.459  -6.163  4.308   1.00 0.95 ? 18 6HT B "H6'2" 1 
HETATM 617 H H3     . 6HT B 1 6  ? -2.207  -1.407  2.852   1.00 0.91 ? 18 6HT B H3     1 
HETATM 618 H H71    . 6HT B 1 6  ? -0.553  -6.215  1.517   1.00 1.17 ? 18 6HT B H71    1 
HETATM 619 H H72    . 6HT B 1 6  ? 0.199   -4.772  0.796   1.00 1.13 ? 18 6HT B H72    1 
HETATM 620 H H73    . 6HT B 1 6  ? -1.129  -5.601  -0.050  1.00 1.16 ? 18 6HT B H73    1 
HETATM 621 H H6     . 6HT B 1 6  ? -3.199  -5.954  1.689   1.00 1.04 ? 18 6HT B H6     1 
HETATM 622 P P      . 6HT B 1 7  ? -6.483  -4.597  -1.610  1.00 1.11 ? 19 6HT B P      1 
HETATM 623 O OP1    . 6HT B 1 7  ? -7.254  -5.090  -2.774  1.00 1.24 ? 19 6HT B OP1    1 
HETATM 624 O OP2    . 6HT B 1 7  ? -5.070  -4.190  -1.778  1.00 1.12 ? 19 6HT B OP2    1 
HETATM 625 O "O5'"  . 6HT B 1 7  ? -7.287  -3.362  -0.949  1.00 1.02 ? 19 6HT B "O5'"  1 
HETATM 626 C "C5'"  . 6HT B 1 7  ? -8.659  -3.509  -0.548  1.00 1.05 ? 19 6HT B "C5'"  1 
HETATM 627 C "C4'"  . 6HT B 1 7  ? -9.117  -2.408  0.400   1.00 0.96 ? 19 6HT B "C4'"  1 
HETATM 628 O "O4'"  . 6HT B 1 7  ? -8.268  -2.385  1.567   1.00 0.93 ? 19 6HT B "O4'"  1 
HETATM 629 C "C3'"  . 6HT B 1 7  ? -9.116  -1.040  -0.302  1.00 0.86 ? 19 6HT B "C3'"  1 
HETATM 630 O "O3'"  . 6HT B 1 7  ? -10.028 -1.046  -1.402  1.00 0.90 ? 19 6HT B "O3'"  1 
HETATM 631 C "C2'"  . 6HT B 1 7  ? -9.491  0.040   0.702   1.00 0.81 ? 19 6HT B "C2'"  1 
HETATM 632 C "C1'"  . 6HT B 1 7  ? -8.502  0.037   1.863   1.00 0.79 ? 19 6HT B "C1'"  1 
HETATM 633 C "C6'"  . 6HT B 1 7  ? -8.550  -1.342  2.522   1.00 0.89 ? 19 6HT B "C6'"  1 
HETATM 634 N N1     . 6HT B 1 7  ? -7.131  0.332   1.371   1.00 0.72 ? 19 6HT B N1     1 
HETATM 635 C C2     . 6HT B 1 7  ? -6.686  1.637   1.452   1.00 0.66 ? 19 6HT B C2     1 
HETATM 636 O O2     . 6HT B 1 7  ? -7.370  2.537   1.937   1.00 0.65 ? 19 6HT B O2     1 
HETATM 637 N N3     . 6HT B 1 7  ? -5.420  1.875   0.962   1.00 0.65 ? 19 6HT B N3     1 
HETATM 638 C C4     . 6HT B 1 7  ? -4.569  0.939   0.407   1.00 0.70 ? 19 6HT B C4     1 
HETATM 639 O O4     . 6HT B 1 7  ? -3.460  1.265   -0.004  1.00 0.74 ? 19 6HT B O4     1 
HETATM 640 C C5     . 6HT B 1 7  ? -5.112  -0.396  0.365   1.00 0.75 ? 19 6HT B C5     1 
HETATM 641 C C5M    . 6HT B 1 7  ? -4.282  -1.528  -0.235  1.00 0.84 ? 19 6HT B C5M    1 
HETATM 642 C C6     . 6HT B 1 7  ? -6.344  -0.656  0.836   1.00 0.77 ? 19 6HT B C6     1 
HETATM 643 H "H5'"  . 6HT B 1 7  ? -8.778  -4.445  -0.017  1.00 1.12 ? 19 6HT B "H5'"  1 
HETATM 644 H "H5''" . 6HT B 1 7  ? -9.290  -3.514  -1.450  1.00 1.09 ? 19 6HT B "H5''" 1 
HETATM 645 H "H4'"  . 6HT B 1 7  ? -10.137 -2.628  0.715   1.00 1.02 ? 19 6HT B "H4'"  1 
HETATM 646 H "H3'"  . 6HT B 1 7  ? -8.109  -0.825  -0.677  1.00 0.81 ? 19 6HT B "H3'"  1 
HETATM 647 H "H2'"  . 6HT B 1 7  ? -9.483  1.010   0.217   1.00 0.77 ? 19 6HT B "H2'"  1 
HETATM 648 H "H2''" . 6HT B 1 7  ? -10.494 -0.154  1.081   1.00 0.88 ? 19 6HT B "H2''" 1 
HETATM 649 H "H1'"  . 6HT B 1 7  ? -8.794  0.796   2.590   1.00 0.80 ? 19 6HT B "H1'"  1 
HETATM 650 H "H6'1" . 6HT B 1 7  ? -9.537  -1.500  2.951   1.00 0.94 ? 19 6HT B "H6'1" 1 
HETATM 651 H "H6'2" . 6HT B 1 7  ? -7.816  -1.381  3.325   1.00 0.89 ? 19 6HT B "H6'2" 1 
HETATM 652 H H3     . 6HT B 1 7  ? -5.086  2.831   1.001   1.00 0.65 ? 19 6HT B H3     1 
HETATM 653 H H71    . 6HT B 1 7  ? -3.285  -1.162  -0.473  1.00 0.90 ? 19 6HT B H71    1 
HETATM 654 H H72    . 6HT B 1 7  ? -4.207  -2.346  0.482   1.00 0.96 ? 19 6HT B H72    1 
HETATM 655 H H73    . 6HT B 1 7  ? -4.764  -1.889  -1.145  1.00 0.90 ? 19 6HT B H73    1 
HETATM 656 H H6     . 6HT B 1 7  ? -6.724  -1.676  0.789   1.00 0.85 ? 19 6HT B H6     1 
HETATM 657 P P      . 6HT B 1 8  ? -9.524  -0.612  -2.872  1.00 0.87 ? 20 6HT B P      1 
HETATM 658 O OP1    . 6HT B 1 8  ? -10.461 -1.177  -3.868  1.00 1.03 ? 20 6HT B OP1    1 
HETATM 659 O OP2    . 6HT B 1 8  ? -8.074  -0.897  -2.968  1.00 0.87 ? 20 6HT B OP2    1 
HETATM 660 O "O5'"  . 6HT B 1 8  ? -9.720  0.984   -2.841  1.00 0.78 ? 20 6HT B "O5'"  1 
HETATM 661 C "C5'"  . 6HT B 1 8  ? -10.883 1.569   -2.237  1.00 0.80 ? 20 6HT B "C5'"  1 
HETATM 662 C "C4'"  . 6HT B 1 8  ? -10.555 2.857   -1.506  1.00 0.74 ? 20 6HT B "C4'"  1 
HETATM 663 O "O4'"  . 6HT B 1 8  ? -9.542  2.612   -0.518  1.00 0.74 ? 20 6HT B "O4'"  1 
HETATM 664 C "C3'"  . 6HT B 1 8  ? -10.076 3.915   -2.491  1.00 0.69 ? 20 6HT B "C3'"  1 
HETATM 665 O "O3'"  . 6HT B 1 8  ? -11.089 4.190   -3.458  1.00 0.74 ? 20 6HT B "O3'"  1 
HETATM 666 C "C2'"  . 6HT B 1 8  ? -9.703  5.186   -1.741  1.00 0.67 ? 20 6HT B "C2'"  1 
HETATM 667 C "C1'"  . 6HT B 1 8  ? -8.646  4.904   -0.676  1.00 0.65 ? 20 6HT B "C1'"  1 
HETATM 668 C "C6'"  . 6HT B 1 8  ? -9.128  3.766   0.235   1.00 0.71 ? 20 6HT B "C6'"  1 
HETATM 669 N N1     . 6HT B 1 8  ? -7.347  4.589   -1.322  1.00 0.62 ? 20 6HT B N1     1 
HETATM 670 C C2     . 6HT B 1 8  ? -6.488  5.655   -1.531  1.00 0.65 ? 20 6HT B C2     1 
HETATM 671 O O2     . 6HT B 1 8  ? -6.758  6.797   -1.160  1.00 0.73 ? 20 6HT B O2     1 
HETATM 672 N N3     . 6HT B 1 8  ? -5.310  5.370   -2.181  1.00 0.68 ? 20 6HT B N3     1 
HETATM 673 C C4     . 6HT B 1 8  ? -4.907  4.132   -2.640  1.00 0.68 ? 20 6HT B C4     1 
HETATM 674 O O4     . 6HT B 1 8  ? -3.825  4.003   -3.207  1.00 0.76 ? 20 6HT B O4     1 
HETATM 675 C C5     . 6HT B 1 8  ? -5.859  3.069   -2.381  1.00 0.65 ? 20 6HT B C5     1 
HETATM 676 C C5M    . 6HT B 1 8  ? -5.546  1.652   -2.847  1.00 0.73 ? 20 6HT B C5M    1 
HETATM 677 C C6     . 6HT B 1 8  ? -7.022  3.317   -1.744  1.00 0.62 ? 20 6HT B C6     1 
HETATM 678 H "H5'"  . 6HT B 1 8  ? -11.294 0.888   -1.505  1.00 0.87 ? 20 6HT B "H5'"  1 
HETATM 679 H "H5''" . 6HT B 1 8  ? -11.627 1.762   -3.025  1.00 0.83 ? 20 6HT B "H5''" 1 
HETATM 680 H "H4'"  . 6HT B 1 8  ? -11.455 3.220   -1.009  1.00 0.79 ? 20 6HT B "H4'"  1 
HETATM 681 H "H3'"  . 6HT B 1 8  ? -9.191  3.537   -3.004  1.00 0.67 ? 20 6HT B "H3'"  1 
HETATM 682 H "H2'"  . 6HT B 1 8  ? -9.316  5.918   -2.447  1.00 0.66 ? 20 6HT B "H2'"  1 
HETATM 683 H "H2''" . 6HT B 1 8  ? -10.590 5.600   -1.271  1.00 0.72 ? 20 6HT B "H2''" 1 
HETATM 684 H "H1'"  . 6HT B 1 8  ? -8.521  5.800   -0.067  1.00 0.68 ? 20 6HT B "H1'"  1 
HETATM 685 H "H6'1" . 6HT B 1 8  ? -9.963  4.119   0.834   1.00 0.77 ? 20 6HT B "H6'1" 1 
HETATM 686 H "H6'2" . 6HT B 1 8  ? -8.323  3.483   0.909   1.00 0.72 ? 20 6HT B "H6'2" 1 
HETATM 687 H H3     . 6HT B 1 8  ? -4.680  6.142   -2.340  1.00 0.74 ? 20 6HT B H3     1 
HETATM 688 H H71    . 6HT B 1 8  ? -4.747  1.677   -3.588  1.00 1.32 ? 20 6HT B H71    1 
HETATM 689 H H72    . 6HT B 1 8  ? -5.229  1.050   -1.994  1.00 1.06 ? 20 6HT B H72    1 
HETATM 690 H H73    . 6HT B 1 8  ? -6.436  1.208   -3.289  1.00 1.22 ? 20 6HT B H73    1 
HETATM 691 H H6     . 6HT B 1 8  ? -7.710  2.489   -1.554  1.00 0.66 ? 20 6HT B H6     1 
HETATM 692 P P      . 6HG B 1 9  ? -10.675 4.518   -4.974  1.00 0.80 ? 21 6HG B P      1 
HETATM 693 O OP1    . 6HG B 1 9  ? -11.887 4.426   -5.816  1.00 0.94 ? 21 6HG B OP1    1 
HETATM 694 O OP2    . 6HG B 1 9  ? -9.477  3.717   -5.303  1.00 0.82 ? 21 6HG B OP2    1 
HETATM 695 O "O5'"  . 6HG B 1 9  ? -10.236 6.064   -4.881  1.00 0.82 ? 21 6HG B "O5'"  1 
HETATM 696 C "C5'"  . 6HG B 1 9  ? -11.144 7.064   -4.390  1.00 0.83 ? 21 6HG B "C5'"  1 
HETATM 697 C "C4'"  . 6HG B 1 9  ? -10.436 8.375   -4.103  1.00 0.81 ? 21 6HG B "C4'"  1 
HETATM 698 O "O4'"  . 6HG B 1 9  ? -9.499  8.185   -3.024  1.00 0.83 ? 21 6HG B "O4'"  1 
HETATM 699 C "C3'"  . 6HG B 1 9  ? -9.731  8.862   -5.374  1.00 0.79 ? 21 6HG B "C3'"  1 
HETATM 700 O "O3'"  . 6HG B 1 9  ? -10.697 9.213   -6.369  1.00 0.84 ? 21 6HG B "O3'"  1 
HETATM 701 C "C2'"  . 6HG B 1 9  ? -8.837  10.061  -5.066  1.00 0.85 ? 21 6HG B "C2'"  1 
HETATM 702 C "C1'"  . 6HG B 1 9  ? -7.855  9.725   -3.948  1.00 0.86 ? 21 6HG B "C1'"  1 
HETATM 703 C "C6'"  . 6HG B 1 9  ? -8.660  9.312   -2.723  1.00 0.88 ? 21 6HG B "C6'"  1 
HETATM 704 N N9     . 6HG B 1 9  ? -6.953  8.629   -4.367  1.00 0.82 ? 21 6HG B N9     1 
HETATM 705 C C8     . 6HG B 1 9  ? -7.139  7.284   -4.308  1.00 0.79 ? 21 6HG B C8     1 
HETATM 706 N N7     . 6HG B 1 9  ? -6.196  6.529   -4.762  1.00 0.79 ? 21 6HG B N7     1 
HETATM 707 C C5     . 6HG B 1 9  ? -5.253  7.473   -5.181  1.00 0.83 ? 21 6HG B C5     1 
HETATM 708 C C6     . 6HG B 1 9  ? -3.978  7.281   -5.779  1.00 0.90 ? 21 6HG B C6     1 
HETATM 709 O O6     . 6HG B 1 9  ? -3.422  6.228   -6.073  1.00 0.93 ? 21 6HG B O6     1 
HETATM 710 N N1     . 6HG B 1 9  ? -3.355  8.488   -6.041  1.00 1.00 ? 21 6HG B N1     1 
HETATM 711 C C2     . 6HG B 1 9  ? -3.884  9.732   -5.768  1.00 1.03 ? 21 6HG B C2     1 
HETATM 712 N N2     . 6HG B 1 9  ? -3.142  10.779  -6.100  1.00 1.16 ? 21 6HG B N2     1 
HETATM 713 N N3     . 6HG B 1 9  ? -5.079  9.925   -5.210  1.00 0.96 ? 21 6HG B N3     1 
HETATM 714 C C4     . 6HG B 1 9  ? -5.708  8.760   -4.942  1.00 0.86 ? 21 6HG B C4     1 
HETATM 715 H "H5'"  . 6HG B 1 9  ? -11.581 6.731   -3.458  1.00 0.91 ? 21 6HG B "H5'"  1 
HETATM 716 H "H5''" . 6HG B 1 9  ? -11.937 7.215   -5.139  1.00 0.87 ? 21 6HG B "H5''" 1 
HETATM 717 H "H4'"  . 6HG B 1 9  ? -11.177 9.118   -3.808  1.00 0.86 ? 21 6HG B "H4'"  1 
HETATM 718 H "H3'"  . 6HG B 1 9  ? -9.108  8.053   -5.757  1.00 0.75 ? 21 6HG B "H3'"  1 
HETATM 719 H "H2'"  . 6HG B 1 9  ? -8.286  10.340  -5.959  1.00 0.87 ? 21 6HG B "H2'"  1 
HETATM 720 H "H2''" . 6HG B 1 9  ? -9.456  10.901  -4.762  1.00 0.91 ? 21 6HG B "H2''" 1 
HETATM 721 H "H1'"  . 6HG B 1 9  ? -7.263  10.608  -3.711  1.00 0.94 ? 21 6HG B "H1'"  1 
HETATM 722 H "H6'1" . 6HG B 1 9  ? -9.278  10.145  -2.397  1.00 0.93 ? 21 6HG B "H6'1" 1 
HETATM 723 H "H6'2" . 6HG B 1 9  ? -7.980  9.050   -1.916  1.00 0.92 ? 21 6HG B "H6'2" 1 
HETATM 724 H H8     . 6HG B 1 9  ? -8.051  6.858   -3.888  1.00 0.79 ? 21 6HG B H8     1 
HETATM 725 H H1     . 6HG B 1 9  ? -2.435  8.427   -6.463  1.00 1.07 ? 21 6HG B H1     1 
HETATM 726 H H21    . 6HG B 1 9  ? -2.231  10.640  -6.526  1.00 1.22 ? 21 6HG B H21    1 
HETATM 727 H H22    . 6HG B 1 9  ? -3.479  11.712  -5.926  1.00 1.22 ? 21 6HG B H22    1 
HETATM 728 P P      . 6HC B 1 10 ? -10.425 8.880   -7.923  1.00 0.86 ? 22 6HC B P      1 
HETATM 729 O OP1    . 6HC B 1 10 ? -11.659 9.167   -8.685  1.00 0.98 ? 22 6HC B OP1    1 
HETATM 730 O OP2    . 6HC B 1 10 ? -9.794  7.543   -8.007  1.00 0.84 ? 22 6HC B OP2    1 
HETATM 731 O "O5'"  . 6HC B 1 10 ? -9.317  9.978   -8.321  1.00 0.90 ? 22 6HC B "O5'"  1 
HETATM 732 C "C5'"  . 6HC B 1 10 ? -9.545  11.376  -8.080  1.00 0.99 ? 22 6HC B "C5'"  1 
HETATM 733 C "C4'"  . 6HC B 1 10 ? -8.246  12.161  -8.024  1.00 1.07 ? 22 6HC B "C4'"  1 
HETATM 734 O "O4'"  . 6HC B 1 10 ? -7.404  11.620  -6.987  1.00 1.05 ? 22 6HC B "O4'"  1 
HETATM 735 C "C3'"  . 6HC B 1 10 ? -7.540  12.101  -9.381  1.00 1.10 ? 22 6HC B "C3'"  1 
HETATM 736 O "O3'"  . 6HC B 1 10 ? -8.330  12.747  -10.378 1.00 1.21 ? 22 6HC B "O3'"  1 
HETATM 737 C "C2'"  . 6HC B 1 10 ? -6.167  12.765  -9.289  1.00 1.23 ? 22 6HC B "C2'"  1 
HETATM 738 C "C1'"  . 6HC B 1 10 ? -5.329  12.120  -8.194  1.00 1.20 ? 22 6HC B "C1'"  1 
HETATM 739 C "C6'"  . 6HC B 1 10 ? -6.098  12.210  -6.874  1.00 1.19 ? 22 6HC B "C6'"  1 
HETATM 740 N N1     . 6HC B 1 10 ? -5.022  10.711  -8.541  1.00 1.08 ? 22 6HC B N1     1 
HETATM 741 C C2     . 6HC B 1 10 ? -3.787  10.449  -9.108  1.00 1.14 ? 22 6HC B C2     1 
HETATM 742 O O2     . 6HC B 1 10 ? -3.000  11.367  -9.321  1.00 1.31 ? 22 6HC B O2     1 
HETATM 743 N N3     . 6HC B 1 10 ? -3.476  9.161   -9.415  1.00 1.06 ? 22 6HC B N3     1 
HETATM 744 C C4     . 6HC B 1 10 ? -4.342  8.167   -9.177  1.00 0.94 ? 22 6HC B C4     1 
HETATM 745 N N4     . 6HC B 1 10 ? -4.007  6.920   -9.494  1.00 0.92 ? 22 6HC B N4     1 
HETATM 746 C C5     . 6HC B 1 10 ? -5.618  8.429   -8.593  1.00 0.90 ? 22 6HC B C5     1 
HETATM 747 C C6     . 6HC B 1 10 ? -5.917  9.706   -8.293  1.00 0.96 ? 22 6HC B C6     1 
HETATM 748 H "H5'"  . 6HC B 1 10 ? -10.030 11.504  -7.122  1.00 1.00 ? 22 6HC B "H5'"  1 
HETATM 749 H "H5''" . 6HC B 1 10 ? -10.190 11.770  -8.879  1.00 1.07 ? 22 6HC B "H5''" 1 
HETATM 750 H "H4'"  . 6HC B 1 10 ? -8.471  13.201  -7.792  1.00 1.17 ? 22 6HC B "H4'"  1 
HETATM 751 H "H3'"  . 6HC B 1 10 ? -7.412  11.050  -9.658  1.00 1.01 ? 22 6HC B "H3'"  1 
HETATM 752 H "H2'"  . 6HC B 1 10 ? -5.650  12.674  -10.243 1.00 1.27 ? 22 6HC B "H2'"  1 
HETATM 753 H "H2''" . 6HC B 1 10 ? -6.297  13.822  -9.066  1.00 1.34 ? 22 6HC B "H2''" 1 
HETATM 754 H "H1'"  . 6HC B 1 10 ? -4.392  12.672  -8.095  1.00 1.33 ? 22 6HC B "H1'"  1 
HETATM 755 H "H6'1" . 6HC B 1 10 ? -6.199  13.255  -6.587  1.00 1.31 ? 22 6HC B "H6'1" 1 
HETATM 756 H "H6'2" . 6HC B 1 10 ? -5.540  11.695  -6.096  1.00 1.21 ? 22 6HC B "H6'2" 1 
HETATM 757 H H41    . 6HC B 1 10 ? -4.651  6.163   -9.323  1.00 0.89 ? 22 6HC B H41    1 
HETATM 758 H H42    . 6HC B 1 10 ? -3.103  6.729   -9.917  1.00 0.98 ? 22 6HC B H42    1 
HETATM 759 H H5     . 6HC B 1 10 ? -6.324  7.623   -8.396  1.00 0.88 ? 22 6HC B H5     1 
HETATM 760 H H6     . 6HC B 1 10 ? -6.884  9.940   -7.854  1.00 0.95 ? 22 6HC B H6     1 
HETATM 761 P P      . 6HG B 1 11 ? -8.354  12.180  -11.883 1.00 1.27 ? 23 6HG B P      1 
HETATM 762 O OP1    . 6HG B 1 11 ? -9.382  12.923  -12.639 1.00 1.43 ? 23 6HG B OP1    1 
HETATM 763 O OP2    . 6HG B 1 11 ? -8.403  10.705  -11.814 1.00 1.18 ? 23 6HG B OP2    1 
HETATM 764 O "O5'"  . 6HG B 1 11 ? -6.906  12.608  -12.442 1.00 1.37 ? 23 6HG B "O5'"  1 
HETATM 765 C "C5'"  . 6HG B 1 11 ? -6.501  13.985  -12.465 1.00 1.53 ? 23 6HG B "C5'"  1 
HETATM 766 C "C4'"  . 6HG B 1 11 ? -5.007  14.133  -12.686 1.00 1.60 ? 23 6HG B "C4'"  1 
HETATM 767 O "O4'"  . 6HG B 1 11 ? -4.298  13.467  -11.624 1.00 1.51 ? 23 6HG B "O4'"  1 
HETATM 768 C "C3'"  . 6HG B 1 11 ? -4.624  13.550  -14.051 1.00 1.61 ? 23 6HG B "C3'"  1 
HETATM 769 O "O3'"  . 6HG B 1 11 ? -5.210  14.325  -15.099 1.00 1.78 ? 23 6HG B "O3'"  1 
HETATM 770 C "C2'"  . 6HG B 1 11 ? -3.106  13.519  -14.214 1.00 1.67 ? 23 6HG B "C2'"  1 
HETATM 771 C "C1'"  . 6HG B 1 11 ? -2.442  12.786  -13.050 1.00 1.56 ? 23 6HG B "C1'"  1 
HETATM 772 C "C6'"  . 6HG B 1 11 ? -2.868  13.459  -11.750 1.00 1.58 ? 23 6HG B "C6'"  1 
HETATM 773 N N9     . 6HG B 1 11 ? -2.832  11.360  -13.044 1.00 1.36 ? 23 6HG B N9     1 
HETATM 774 C C8     . 6HG B 1 11 ? -4.012  10.783  -12.704 1.00 1.24 ? 23 6HG B C8     1 
HETATM 775 N N7     . 6HG B 1 11 ? -4.096  9.499   -12.779 1.00 1.12 ? 23 6HG B N7     1 
HETATM 776 C C5     . 6HG B 1 11 ? -2.816  9.159   -13.222 1.00 1.15 ? 23 6HG B C5     1 
HETATM 777 C C6     . 6HG B 1 11 ? -2.264  7.884   -13.505 1.00 1.09 ? 23 6HG B C6     1 
HETATM 778 O O6     . 6HG B 1 11 ? -2.800  6.784   -13.405 1.00 1.00 ? 23 6HG B O6     1 
HETATM 779 N N1     . 6HG B 1 11 ? -0.950  7.981   -13.926 1.00 1.20 ? 23 6HG B N1     1 
HETATM 780 C C2     . 6HG B 1 11 ? -0.244  9.157   -14.061 1.00 1.37 ? 23 6HG B C2     1 
HETATM 781 N N2     . 6HG B 1 11 ? 1.013   9.047   -14.466 1.00 1.51 ? 23 6HG B N2     1 
HETATM 782 N N3     . 6HG B 1 11 ? -0.752  10.362  -13.800 1.00 1.44 ? 23 6HG B N3     1 
HETATM 783 C C4     . 6HG B 1 11 ? -2.036  10.292  -13.388 1.00 1.31 ? 23 6HG B C4     1 
HETATM 784 H "H5'"  . 6HG B 1 11 ? -6.727  14.445  -11.513 1.00 1.54 ? 23 6HG B "H5'"  1 
HETATM 785 H "H5''" . 6HG B 1 11 ? -7.056  14.498  -13.266 1.00 1.64 ? 23 6HG B "H5''" 1 
HETATM 786 H "H4'"  . 6HG B 1 11 ? -4.753  15.193  -12.674 1.00 1.74 ? 23 6HG B "H4'"  1 
HETATM 787 H "H3'"  . 6HG B 1 11 ? -5.003  12.529  -14.112 1.00 1.49 ? 23 6HG B "H3'"  1 
HETATM 788 H "H2'"  . 6HG B 1 11 ? -2.852  13.018  -15.147 1.00 1.67 ? 23 6HG B "H2'"  1 
HETATM 789 H "H2''" . 6HG B 1 11 ? -2.729  14.538  -14.256 1.00 1.82 ? 23 6HG B "H2''" 1 
HETATM 790 H "H1'"  . 6HG B 1 11 ? -1.359  12.857  -13.152 1.00 1.64 ? 23 6HG B "H1'"  1 
HETATM 791 H "H6'1" . 6HG B 1 11 ? -2.497  14.481  -11.733 1.00 1.74 ? 23 6HG B "H6'1" 1 
HETATM 792 H "H6'2" . 6HG B 1 11 ? -2.436  12.922  -10.907 1.00 1.55 ? 23 6HG B "H6'2" 1 
HETATM 793 H H8     . 6HG B 1 11 ? -4.862  11.383  -12.381 1.00 1.27 ? 23 6HG B H8     1 
HETATM 794 H H1     . 6HG B 1 11 ? -0.491  7.108   -14.150 1.00 1.19 ? 23 6HG B H1     1 
HETATM 795 H H21    . 6HG B 1 11 ? 1.403   8.133   -14.667 1.00 1.48 ? 23 6HG B H21    1 
HETATM 796 H H22    . 6HG B 1 11 ? 1.580   9.873   -14.572 1.00 1.66 ? 23 6HG B H22    1 
HETATM 797 P P      . 6HC B 1 12 ? -5.949  13.604  -16.335 1.00 1.77 ? 24 6HC B P      1 
HETATM 798 O OP1    . 6HC B 1 12 ? -6.598  14.647  -17.160 1.00 2.03 ? 24 6HC B OP1    1 
HETATM 799 O OP2    . 6HC B 1 12 ? -6.744  12.475  -15.808 1.00 1.63 ? 24 6HC B OP2    1 
HETATM 800 O "O5'"  . 6HC B 1 12 ? -4.717  12.994  -17.173 1.00 1.71 ? 24 6HC B "O5'"  1 
HETATM 801 C "C5'"  . 6HC B 1 12 ? -3.649  13.836  -17.632 1.00 1.89 ? 24 6HC B "C5'"  1 
HETATM 802 C "C4'"  . 6HC B 1 12 ? -2.368  13.053  -17.852 1.00 1.90 ? 24 6HC B "C4'"  1 
HETATM 803 O "O4'"  . 6HC B 1 12 ? -1.941  12.468  -16.611 1.00 1.73 ? 24 6HC B "O4'"  1 
HETATM 804 C "C3'"  . 6HC B 1 12 ? -2.593  11.972  -18.908 1.00 1.90 ? 24 6HC B "C3'"  1 
HETATM 805 O "O3'"  . 6HC B 1 12 ? -2.907  12.574  -20.164 1.00 2.15 ? 24 6HC B "O3'"  1 
HETATM 806 C "C2'"  . 6HC B 1 12 ? -1.352  11.091  -19.041 1.00 1.90 ? 24 6HC B "C2'"  1 
HETATM 807 C "C1'"  . 6HC B 1 12 ? -0.923  10.520  -17.687 1.00 1.73 ? 24 6HC B "C1'"  1 
HETATM 808 C "C6'"  . 6HC B 1 12 ? -0.753  11.667  -16.691 1.00 1.77 ? 24 6HC B "C6'"  1 
HETATM 809 N N1     . 6HC B 1 12 ? -1.909  9.525   -17.193 1.00 1.50 ? 24 6HC B N1     1 
HETATM 810 C C2     . 6HC B 1 12 ? -1.526  8.193   -17.200 1.00 1.45 ? 24 6HC B C2     1 
HETATM 811 O O2     . 6HC B 1 12 ? -0.416  7.873   -17.615 1.00 1.61 ? 24 6HC B O2     1 
HETATM 812 N N3     . 6HC B 1 12 ? -2.404  7.263   -16.738 1.00 1.29 ? 24 6HC B N3     1 
HETATM 813 C C4     . 6HC B 1 12 ? -3.613  7.622   -16.288 1.00 1.19 ? 24 6HC B C4     1 
HETATM 814 N N4     . 6HC B 1 12 ? -4.449  6.683   -15.854 1.00 1.12 ? 24 6HC B N4     1 
HETATM 815 C C5     . 6HC B 1 12 ? -4.018  8.993   -16.278 1.00 1.24 ? 24 6HC B C5     1 
HETATM 816 C C6     . 6HC B 1 12 ? -3.143  9.907   -16.735 1.00 1.39 ? 24 6HC B C6     1 
HETATM 817 H "H5'"  . 6HC B 1 12 ? -3.433  14.589  -16.885 1.00 1.93 ? 24 6HC B "H5'"  1 
HETATM 818 H "H5''" . 6HC B 1 12 ? -3.962  14.322  -18.569 1.00 2.03 ? 24 6HC B "H5''" 1 
HETATM 819 H "H4'"  . 6HC B 1 12 ? -1.595  13.735  -18.208 1.00 2.08 ? 24 6HC B "H4'"  1 
HETATM 820 H "H3'"  . 6HC B 1 12 ? -3.433  11.349  -18.600 1.00 1.74 ? 24 6HC B "H3'"  1 
HETATM 821 H "HO3'" . 6HC B 1 12 ? -3.782  12.961  -20.077 1.00 2.36 ? 24 6HC B "HO3'" 1 
HETATM 822 H "H2'"  . 6HC B 1 12 ? -1.563  10.273  -19.727 1.00 1.89 ? 24 6HC B "H2'"  1 
HETATM 823 H "H2''" . 6HC B 1 12 ? -0.539  11.684  -19.453 1.00 2.09 ? 24 6HC B "H2''" 1 
HETATM 824 H "H1'"  . 6HC B 1 12 ? 0.040   10.022  -17.810 1.00 1.80 ? 24 6HC B "H1'"  1 
HETATM 825 H "H6'1" . 6HC B 1 12 ? 0.082   12.290  -16.998 1.00 1.96 ? 24 6HC B "H6'1" 1 
HETATM 826 H "H6'2" . 6HC B 1 12 ? -0.531  11.258  -15.708 1.00 1.67 ? 24 6HC B "H6'2" 1 
HETATM 827 H H41    . 6HC B 1 12 ? -4.165  5.712   -15.860 1.00 1.13 ? 24 6HC B H41    1 
HETATM 828 H H42    . 6HC B 1 12 ? -5.368  6.940   -15.522 1.00 1.12 ? 24 6HC B H42    1 
HETATM 829 H H5     . 6HC B 1 12 ? -5.001  9.289   -15.913 1.00 1.22 ? 24 6HC B H5     1 
HETATM 830 H H6     . 6HC B 1 12 ? -3.417  10.960  -16.735 1.00 1.46 ? 24 6HC B H6     1 
# 
